data_3TTK
#
_entry.id   3TTK
#
_cell.length_a   47.769
_cell.length_b   108.983
_cell.length_c   228.508
_cell.angle_alpha   90.00
_cell.angle_beta   90.00
_cell.angle_gamma   90.00
#
_symmetry.space_group_name_H-M   'P 21 21 21'
#
loop_
_entity.id
_entity.type
_entity.pdbx_description
1 polymer 'Polyamine transport protein'
2 water water
#
_entity_poly.entity_id   1
_entity_poly.type   'polypeptide(L)'
_entity_poly.pdbx_seq_one_letter_code
;GPLGSDNKVLHVYNWSDYIAPDTLEKFTKETGIKVVYDVYDSNEVLEAKLLAGKSGYDVVVPSNSFLAKQIKAGVYQKLD
KSKLPNWKNLNKDLMHTLEVSDPGNEHAIPYMWGTIGIGYNPDKVKAAFGDNAPVDSWDLVFKPENIQKLKQCGVSFLDS
PTEILPAALHYLGYKPDTDNPKELKAAEELFLKIRPYVTYFHSSKYISDLANGNICVAIGYSGDIYQAKSRAEEAKNKVT
VKYNIPKEGAGSFFDMVAIPKDAENTEGALAFVNFLMKPEIMAEITDVVQFPNGNAAATPLVSEAIRNDPGIYPSEEVMK
KLYTFPDLPAKTQRAMTRSWTKIKS
;
_entity_poly.pdbx_strand_id   A,B,C
#
# COMPACT_ATOMS: atom_id res chain seq x y z
N ASP A 6 36.57 7.40 34.54
CA ASP A 6 36.89 6.48 33.42
C ASP A 6 36.28 7.03 32.14
N ASN A 7 37.13 7.48 31.23
CA ASN A 7 36.64 8.07 29.98
C ASN A 7 36.72 7.06 28.85
N LYS A 8 36.91 5.80 29.24
CA LYS A 8 36.83 4.68 28.31
C LYS A 8 35.42 4.10 28.41
N VAL A 9 34.46 5.00 28.60
CA VAL A 9 33.05 4.64 28.73
C VAL A 9 32.20 5.29 27.65
N LEU A 10 31.75 4.47 26.70
CA LEU A 10 30.91 4.93 25.61
C LEU A 10 29.54 4.29 25.71
N HIS A 11 28.53 5.11 26.00
CA HIS A 11 27.15 4.63 26.11
C HIS A 11 26.47 4.70 24.74
N VAL A 12 26.27 3.54 24.11
CA VAL A 12 25.68 3.53 22.79
C VAL A 12 24.32 2.85 22.78
N TYR A 13 23.46 3.29 21.87
CA TYR A 13 22.10 2.77 21.81
C TYR A 13 21.66 2.69 20.36
N ASN A 14 21.27 1.50 19.92
CA ASN A 14 21.05 1.22 18.51
C ASN A 14 19.99 0.17 18.24
N TRP A 15 19.70 -0.07 16.98
CA TRP A 15 18.78 -1.15 16.63
C TRP A 15 19.48 -2.47 16.88
N SER A 16 18.67 -3.48 17.16
CA SER A 16 19.17 -4.82 17.38
C SER A 16 19.69 -5.41 16.07
N ASP A 17 20.70 -6.27 16.15
CA ASP A 17 21.30 -6.89 14.96
C ASP A 17 21.57 -5.88 13.84
N TYR A 18 21.98 -4.68 14.22
CA TYR A 18 22.18 -3.62 13.26
C TYR A 18 23.64 -3.17 13.31
N ILE A 19 24.55 -4.14 13.32
CA ILE A 19 25.97 -3.85 13.52
C ILE A 19 26.85 -5.02 13.12
N ALA A 20 28.15 -4.76 13.00
CA ALA A 20 29.12 -5.76 12.53
C ALA A 20 29.33 -6.92 13.50
N PRO A 21 30.07 -7.95 13.09
CA PRO A 21 30.27 -9.03 14.05
C PRO A 21 30.98 -8.44 15.26
N ASP A 22 32.04 -7.68 14.99
CA ASP A 22 32.86 -7.07 16.01
C ASP A 22 33.29 -5.65 15.61
N THR A 23 32.32 -4.80 15.29
CA THR A 23 32.65 -3.41 15.04
C THR A 23 33.15 -2.77 16.33
N LEU A 24 32.35 -2.86 17.38
CA LEU A 24 32.69 -2.27 18.69
C LEU A 24 34.10 -2.64 19.15
N GLU A 25 34.45 -3.92 19.07
CA GLU A 25 35.80 -4.30 19.39
C GLU A 25 36.74 -3.34 18.65
N LYS A 26 36.97 -3.63 17.38
CA LYS A 26 37.81 -2.81 16.51
C LYS A 26 37.90 -1.38 16.98
N PHE A 27 36.77 -0.79 17.30
CA PHE A 27 36.71 0.55 17.88
C PHE A 27 37.63 0.58 19.08
N THR A 28 37.09 0.16 20.23
CA THR A 28 37.86 -0.02 21.44
C THR A 28 39.35 -0.17 21.12
N LYS A 29 39.70 -1.19 20.34
CA LYS A 29 41.09 -1.44 19.97
C LYS A 29 41.79 -0.21 19.40
N GLU A 30 41.02 0.74 18.90
CA GLU A 30 41.62 1.89 18.24
C GLU A 30 41.33 3.18 19.00
N THR A 31 40.61 3.05 20.10
CA THR A 31 40.22 4.19 20.90
C THR A 31 40.65 4.00 22.32
N GLY A 32 40.63 2.75 22.75
CA GLY A 32 40.68 2.44 24.16
C GLY A 32 39.44 3.00 24.80
N ILE A 33 38.29 2.91 24.11
CA ILE A 33 37.01 3.21 24.75
C ILE A 33 36.07 1.99 24.75
N LYS A 34 35.74 1.53 25.94
CA LYS A 34 34.84 0.41 26.08
C LYS A 34 33.43 0.91 25.83
N VAL A 35 32.63 0.09 25.17
CA VAL A 35 31.30 0.51 24.80
C VAL A 35 30.27 -0.35 25.50
N VAL A 36 29.23 0.30 26.04
CA VAL A 36 28.07 -0.40 26.56
C VAL A 36 26.99 -0.37 25.49
N TYR A 37 26.65 -1.54 24.96
CA TYR A 37 25.79 -1.63 23.78
C TYR A 37 24.42 -2.23 24.09
N ASP A 38 23.41 -1.37 24.24
CA ASP A 38 22.04 -1.82 24.32
C ASP A 38 21.41 -1.74 22.94
N VAL A 39 20.24 -2.35 22.77
CA VAL A 39 19.55 -2.25 21.49
C VAL A 39 18.05 -2.17 21.70
N TYR A 40 17.44 -1.14 21.15
CA TYR A 40 15.99 -0.95 21.19
C TYR A 40 15.38 -1.57 19.92
N ASP A 41 14.08 -1.82 19.96
CA ASP A 41 13.41 -2.49 18.86
C ASP A 41 12.39 -1.64 18.10
N SER A 42 12.09 -0.45 18.61
CA SER A 42 11.19 0.49 17.93
C SER A 42 11.57 1.92 18.27
N ASN A 43 11.29 2.84 17.35
CA ASN A 43 11.58 4.25 17.58
C ASN A 43 10.89 4.79 18.83
N GLU A 44 9.75 4.20 19.18
CA GLU A 44 8.96 4.66 20.32
C GLU A 44 9.66 4.47 21.67
N VAL A 45 10.38 3.36 21.83
CA VAL A 45 11.07 3.09 23.08
C VAL A 45 12.27 4.02 23.27
N LEU A 46 13.01 4.23 22.20
CA LEU A 46 14.14 5.16 22.20
C LEU A 46 13.68 6.60 22.45
N GLU A 47 12.69 7.05 21.69
CA GLU A 47 12.13 8.39 21.83
C GLU A 47 11.66 8.63 23.26
N ALA A 48 11.24 7.56 23.93
CA ALA A 48 10.74 7.66 25.30
C ALA A 48 11.91 7.85 26.25
N LYS A 49 13.07 7.35 25.85
CA LYS A 49 14.25 7.53 26.69
C LYS A 49 14.74 8.95 26.61
N LEU A 50 15.00 9.41 25.40
CA LEU A 50 15.56 10.74 25.20
C LEU A 50 14.70 11.83 25.85
N LEU A 51 13.39 11.61 25.86
CA LEU A 51 12.47 12.59 26.44
C LEU A 51 12.44 12.52 27.96
N ALA A 52 12.84 11.38 28.51
CA ALA A 52 12.75 11.14 29.96
C ALA A 52 13.78 11.95 30.76
N GLY A 53 14.17 13.10 30.23
CA GLY A 53 15.01 14.05 30.94
C GLY A 53 16.45 13.59 31.10
N LYS A 54 16.68 12.31 30.84
CA LYS A 54 18.01 11.70 30.94
C LYS A 54 18.11 10.50 30.03
N SER A 55 18.88 10.66 28.95
CA SER A 55 19.18 9.57 28.06
C SER A 55 20.15 8.60 28.74
N GLY A 56 21.31 9.12 29.12
CA GLY A 56 22.35 8.31 29.72
C GLY A 56 23.20 7.65 28.65
N TYR A 57 22.96 8.04 27.40
CA TYR A 57 23.72 7.52 26.27
C TYR A 57 24.44 8.63 25.50
N ASP A 58 25.57 8.27 24.90
CA ASP A 58 26.38 9.21 24.16
C ASP A 58 26.00 9.21 22.68
N VAL A 59 25.41 8.11 22.23
CA VAL A 59 25.06 7.98 20.81
C VAL A 59 23.86 7.06 20.61
N VAL A 60 22.85 7.57 19.91
CA VAL A 60 21.70 6.77 19.51
C VAL A 60 21.64 6.80 17.99
N VAL A 61 20.96 5.84 17.40
CA VAL A 61 20.74 5.85 15.96
C VAL A 61 19.26 5.73 15.62
N PRO A 62 18.50 6.81 15.85
CA PRO A 62 17.07 6.86 15.62
C PRO A 62 16.80 6.96 14.14
N SER A 63 15.54 6.76 13.75
CA SER A 63 15.14 6.87 12.35
C SER A 63 14.92 8.32 11.96
N ASN A 64 15.43 8.70 10.80
CA ASN A 64 15.41 10.09 10.40
C ASN A 64 14.06 10.79 10.62
N SER A 65 12.96 10.05 10.51
CA SER A 65 11.67 10.68 10.71
C SER A 65 11.53 11.22 12.13
N PHE A 66 12.12 10.52 13.11
CA PHE A 66 12.12 10.98 14.50
C PHE A 66 13.21 12.01 14.78
N LEU A 67 14.43 11.69 14.35
CA LEU A 67 15.55 12.60 14.41
C LEU A 67 15.07 14.01 14.14
N ALA A 68 14.26 14.17 13.10
CA ALA A 68 13.73 15.48 12.70
C ALA A 68 13.00 16.15 13.87
N LYS A 69 11.87 15.58 14.27
CA LYS A 69 11.14 16.08 15.42
C LYS A 69 12.10 16.25 16.59
N GLN A 70 12.73 15.15 16.98
CA GLN A 70 13.69 15.16 18.09
C GLN A 70 14.72 16.29 17.97
N ILE A 71 15.04 16.69 16.75
CA ILE A 71 15.96 17.81 16.58
C ILE A 71 15.29 19.06 17.09
N LYS A 72 14.07 19.28 16.62
CA LYS A 72 13.30 20.45 16.98
C LYS A 72 13.13 20.61 18.49
N ALA A 73 13.29 19.53 19.24
CA ALA A 73 13.19 19.60 20.70
C ALA A 73 14.55 19.56 21.38
N GLY A 74 15.54 20.22 20.76
CA GLY A 74 16.87 20.37 21.35
C GLY A 74 17.42 19.12 22.01
N VAL A 75 17.11 17.97 21.43
CA VAL A 75 17.55 16.69 21.98
C VAL A 75 19.01 16.33 21.65
N TYR A 76 19.57 16.94 20.61
CA TYR A 76 20.93 16.63 20.23
C TYR A 76 21.79 17.86 20.15
N GLN A 77 23.10 17.65 20.26
CA GLN A 77 24.07 18.69 20.07
C GLN A 77 24.53 18.62 18.63
N LYS A 78 24.78 19.79 18.03
CA LYS A 78 25.34 19.83 16.70
C LYS A 78 26.69 19.09 16.70
N LEU A 79 27.07 18.53 15.57
CA LEU A 79 28.34 17.81 15.53
C LEU A 79 29.47 18.81 15.45
N ASP A 80 30.60 18.50 16.10
CA ASP A 80 31.79 19.31 15.96
C ASP A 80 32.60 18.76 14.79
N LYS A 81 32.22 19.12 13.58
CA LYS A 81 32.78 18.50 12.39
C LYS A 81 34.31 18.52 12.34
N SER A 82 34.92 19.48 13.01
CA SER A 82 36.37 19.59 13.05
C SER A 82 37.03 18.31 13.51
N LYS A 83 36.26 17.49 14.23
CA LYS A 83 36.77 16.26 14.83
C LYS A 83 36.07 15.06 14.19
N LEU A 84 35.94 15.10 12.87
CA LEU A 84 35.27 14.06 12.10
C LEU A 84 35.87 14.02 10.71
N PRO A 85 37.19 13.78 10.63
CA PRO A 85 37.94 13.82 9.37
C PRO A 85 37.41 12.86 8.30
N ASN A 86 36.51 11.96 8.70
CA ASN A 86 35.92 10.98 7.79
C ASN A 86 34.72 11.50 7.02
N TRP A 87 34.10 12.55 7.55
CA TRP A 87 32.90 13.15 6.96
C TRP A 87 32.93 13.21 5.43
N LYS A 88 34.10 13.44 4.86
CA LYS A 88 34.26 13.46 3.40
C LYS A 88 33.81 12.18 2.71
N ASN A 89 33.82 11.08 3.44
CA ASN A 89 33.47 9.77 2.89
C ASN A 89 31.97 9.55 2.79
N LEU A 90 31.21 10.42 3.44
CA LEU A 90 29.76 10.38 3.36
C LEU A 90 29.30 10.70 1.95
N ASN A 91 28.20 10.08 1.56
CA ASN A 91 27.63 10.27 0.24
C ASN A 91 26.94 11.63 0.13
N LYS A 92 27.58 12.57 -0.56
CA LYS A 92 27.08 13.94 -0.65
C LYS A 92 25.62 14.01 -1.07
N ASP A 93 25.24 13.13 -2.00
CA ASP A 93 23.87 13.10 -2.50
C ASP A 93 22.85 12.85 -1.39
N LEU A 94 23.07 11.79 -0.62
CA LEU A 94 22.16 11.39 0.45
C LEU A 94 22.14 12.44 1.54
N MET A 95 23.31 12.96 1.87
CA MET A 95 23.41 14.04 2.84
C MET A 95 22.50 15.19 2.44
N HIS A 96 22.55 15.57 1.17
CA HIS A 96 21.70 16.66 0.65
C HIS A 96 20.23 16.34 0.80
N THR A 97 19.84 15.13 0.39
CA THR A 97 18.45 14.72 0.50
C THR A 97 18.09 14.51 1.97
N LEU A 98 19.03 14.84 2.86
CA LEU A 98 18.79 14.73 4.29
C LEU A 98 18.68 16.08 4.98
N GLU A 99 18.89 17.16 4.24
CA GLU A 99 18.83 18.52 4.81
C GLU A 99 17.43 18.88 5.27
N VAL A 100 16.43 18.33 4.61
CA VAL A 100 15.05 18.55 5.00
C VAL A 100 14.72 17.70 6.22
N SER A 101 15.72 17.34 7.00
CA SER A 101 15.44 16.59 8.22
C SER A 101 16.37 17.02 9.35
N ASP A 102 17.66 17.09 9.04
CA ASP A 102 18.61 17.76 9.89
C ASP A 102 19.31 18.81 9.02
N PRO A 103 18.75 20.02 8.99
CA PRO A 103 19.30 21.09 8.17
C PRO A 103 20.82 21.21 8.29
N GLY A 104 21.48 21.42 7.16
CA GLY A 104 22.92 21.65 7.15
C GLY A 104 23.62 20.49 7.83
N ASN A 105 23.08 19.30 7.62
CA ASN A 105 23.66 18.08 8.15
C ASN A 105 24.45 18.30 9.44
N GLU A 106 23.77 18.89 10.43
CA GLU A 106 24.41 19.32 11.67
C GLU A 106 24.41 18.29 12.80
N HIS A 107 23.50 17.32 12.77
CA HIS A 107 23.25 16.46 13.93
C HIS A 107 23.62 14.97 13.80
N ALA A 108 23.24 14.34 12.69
CA ALA A 108 23.49 12.91 12.52
C ALA A 108 24.06 12.60 11.14
N ILE A 109 24.47 11.35 10.93
CA ILE A 109 24.81 10.89 9.58
C ILE A 109 24.07 9.60 9.28
N PRO A 110 23.86 9.31 8.00
CA PRO A 110 23.12 8.13 7.62
C PRO A 110 23.93 6.89 7.92
N TYR A 111 23.32 5.96 8.66
CA TYR A 111 23.93 4.71 9.02
C TYR A 111 23.66 3.71 7.90
N MET A 112 22.43 3.21 7.90
CA MET A 112 21.87 2.38 6.82
C MET A 112 20.47 2.87 6.49
N TRP A 113 19.99 2.55 5.30
CA TRP A 113 18.74 3.14 4.82
C TRP A 113 17.99 2.26 3.81
N GLY A 114 16.73 2.59 3.57
CA GLY A 114 15.93 1.91 2.56
C GLY A 114 15.01 2.84 1.80
N THR A 115 14.21 2.27 0.92
CA THR A 115 13.28 3.03 0.08
C THR A 115 11.95 2.30 -0.10
N ILE A 116 10.90 3.05 -0.41
CA ILE A 116 9.66 2.47 -0.86
C ILE A 116 9.68 2.40 -2.37
N GLY A 117 9.88 1.20 -2.93
CA GLY A 117 10.00 1.06 -4.37
C GLY A 117 9.19 -0.08 -4.96
N ILE A 118 9.65 -0.58 -6.10
CA ILE A 118 8.90 -1.62 -6.78
C ILE A 118 9.50 -3.00 -6.56
N GLY A 119 8.77 -3.83 -5.83
CA GLY A 119 9.08 -5.24 -5.74
C GLY A 119 8.25 -5.99 -6.76
N TYR A 120 8.90 -6.82 -7.58
CA TYR A 120 8.15 -7.50 -8.61
C TYR A 120 8.76 -8.81 -9.12
N ASN A 121 7.92 -9.60 -9.80
CA ASN A 121 8.32 -10.86 -10.37
C ASN A 121 8.47 -10.76 -11.88
N PRO A 122 9.72 -10.64 -12.36
CA PRO A 122 9.93 -10.39 -13.79
C PRO A 122 9.09 -11.28 -14.71
N ASP A 123 8.94 -12.56 -14.38
CA ASP A 123 8.27 -13.47 -15.28
C ASP A 123 6.76 -13.25 -15.31
N LYS A 124 6.14 -13.25 -14.14
CA LYS A 124 4.70 -13.07 -14.09
C LYS A 124 4.30 -11.72 -14.66
N VAL A 125 5.10 -10.67 -14.39
CA VAL A 125 4.82 -9.35 -14.95
C VAL A 125 4.89 -9.37 -16.48
N LYS A 126 5.84 -10.11 -17.03
CA LYS A 126 6.00 -10.18 -18.48
C LYS A 126 4.85 -10.93 -19.16
N ALA A 127 4.25 -11.89 -18.46
CA ALA A 127 3.25 -12.74 -19.08
C ALA A 127 1.89 -12.13 -18.90
N ALA A 128 1.79 -11.16 -18.00
CA ALA A 128 0.51 -10.57 -17.67
C ALA A 128 0.41 -9.25 -18.40
N PHE A 129 1.56 -8.73 -18.81
CA PHE A 129 1.64 -7.41 -19.39
C PHE A 129 2.01 -7.44 -20.85
N GLY A 130 2.93 -8.32 -21.20
CA GLY A 130 3.47 -8.37 -22.55
C GLY A 130 4.89 -7.84 -22.50
N ASP A 131 5.48 -7.61 -23.66
CA ASP A 131 6.83 -7.08 -23.67
C ASP A 131 6.90 -5.64 -23.14
N ASN A 132 8.07 -5.30 -22.58
CA ASN A 132 8.40 -3.95 -22.14
C ASN A 132 7.53 -3.41 -21.01
N ALA A 133 7.31 -4.21 -19.96
CA ALA A 133 6.69 -3.66 -18.77
C ALA A 133 7.57 -2.52 -18.26
N PRO A 134 6.98 -1.33 -18.06
CA PRO A 134 7.77 -0.20 -17.59
C PRO A 134 8.19 -0.45 -16.15
N VAL A 135 9.04 -1.45 -15.97
CA VAL A 135 9.30 -2.00 -14.66
C VAL A 135 10.27 -1.11 -13.86
N ASP A 136 10.81 -0.09 -14.54
CA ASP A 136 11.66 0.88 -13.88
C ASP A 136 10.93 2.17 -13.54
N SER A 137 9.62 2.22 -13.80
CA SER A 137 8.88 3.47 -13.64
C SER A 137 7.57 3.36 -12.86
N TRP A 138 7.29 4.39 -12.07
CA TRP A 138 6.05 4.46 -11.33
C TRP A 138 4.85 4.32 -12.25
N ASP A 139 5.11 4.38 -13.54
CA ASP A 139 4.10 4.15 -14.56
C ASP A 139 3.53 2.76 -14.39
N LEU A 140 4.38 1.83 -13.98
CA LEU A 140 3.97 0.44 -13.87
C LEU A 140 2.63 0.33 -13.15
N VAL A 141 2.50 1.02 -12.03
CA VAL A 141 1.31 0.89 -11.22
C VAL A 141 0.32 2.04 -11.29
N PHE A 142 0.73 3.19 -11.83
CA PHE A 142 -0.10 4.39 -11.71
C PHE A 142 -0.85 4.79 -12.99
N LYS A 143 -0.67 4.03 -14.06
CA LYS A 143 -1.51 4.16 -15.24
C LYS A 143 -2.61 3.10 -15.22
N PRO A 144 -3.87 3.52 -15.21
CA PRO A 144 -4.89 2.46 -15.20
C PRO A 144 -4.65 1.34 -16.22
N GLU A 145 -4.50 1.65 -17.49
CA GLU A 145 -4.45 0.55 -18.45
C GLU A 145 -3.27 -0.39 -18.18
N ASN A 146 -2.34 0.04 -17.34
CA ASN A 146 -1.21 -0.83 -16.98
C ASN A 146 -1.51 -1.78 -15.84
N ILE A 147 -1.92 -1.22 -14.71
CA ILE A 147 -2.13 -2.01 -13.51
C ILE A 147 -3.26 -2.98 -13.75
N GLN A 148 -4.18 -2.60 -14.63
CA GLN A 148 -5.31 -3.46 -14.90
C GLN A 148 -4.84 -4.76 -15.54
N LYS A 149 -3.92 -4.67 -16.49
CA LYS A 149 -3.36 -5.87 -17.07
C LYS A 149 -2.72 -6.71 -15.96
N LEU A 150 -2.09 -6.03 -14.99
CA LEU A 150 -1.36 -6.73 -13.92
C LEU A 150 -2.25 -7.30 -12.81
N LYS A 151 -3.50 -6.87 -12.75
CA LYS A 151 -4.34 -7.46 -11.72
C LYS A 151 -4.28 -8.96 -11.88
N GLN A 152 -4.13 -9.41 -13.11
CA GLN A 152 -4.23 -10.82 -13.39
C GLN A 152 -3.12 -11.66 -12.72
N CYS A 153 -2.08 -11.01 -12.20
CA CYS A 153 -1.11 -11.73 -11.36
C CYS A 153 -1.05 -11.09 -9.99
N GLY A 154 -1.82 -10.02 -9.81
CA GLY A 154 -1.97 -9.40 -8.49
C GLY A 154 -0.90 -8.38 -8.15
N VAL A 155 -1.33 -7.28 -7.54
CA VAL A 155 -0.44 -6.20 -7.18
C VAL A 155 -0.78 -5.67 -5.80
N SER A 156 0.24 -5.41 -4.98
CA SER A 156 0.00 -4.92 -3.63
C SER A 156 0.58 -3.53 -3.36
N PHE A 157 -0.09 -2.81 -2.46
CA PHE A 157 0.45 -1.59 -1.88
C PHE A 157 0.55 -1.74 -0.36
N LEU A 158 1.60 -1.18 0.22
CA LEU A 158 1.67 -1.07 1.68
C LEU A 158 0.37 -0.47 2.16
N ASP A 159 -0.16 -0.99 3.25
CA ASP A 159 -1.20 -0.29 3.94
C ASP A 159 -0.50 0.78 4.76
N SER A 160 -0.44 2.01 4.23
CA SER A 160 0.23 3.10 4.93
C SER A 160 0.15 4.39 4.10
N PRO A 161 -0.83 5.25 4.44
CA PRO A 161 -1.19 6.36 3.58
C PRO A 161 -0.12 7.43 3.64
N THR A 162 0.36 7.72 4.85
CA THR A 162 1.43 8.70 5.08
C THR A 162 2.66 8.51 4.20
N GLU A 163 2.87 7.28 3.72
CA GLU A 163 3.97 6.96 2.83
C GLU A 163 3.47 6.70 1.40
N ILE A 164 2.40 5.94 1.25
CA ILE A 164 1.95 5.59 -0.08
C ILE A 164 1.40 6.78 -0.88
N LEU A 165 0.62 7.64 -0.24
CA LEU A 165 0.03 8.77 -0.94
C LEU A 165 1.07 9.58 -1.70
N PRO A 166 2.14 10.00 -1.00
CA PRO A 166 3.17 10.75 -1.68
C PRO A 166 3.69 10.05 -2.92
N ALA A 167 3.56 8.74 -3.00
CA ALA A 167 3.99 8.07 -4.22
C ALA A 167 3.09 8.57 -5.35
N ALA A 168 1.80 8.64 -5.05
CA ALA A 168 0.87 9.18 -6.00
C ALA A 168 1.17 10.64 -6.29
N LEU A 169 1.33 11.43 -5.22
CA LEU A 169 1.57 12.85 -5.37
C LEU A 169 2.80 13.08 -6.22
N HIS A 170 3.90 12.44 -5.86
CA HIS A 170 5.14 12.66 -6.57
C HIS A 170 5.00 12.20 -8.00
N TYR A 171 4.11 11.25 -8.21
CA TYR A 171 3.87 10.72 -9.53
C TYR A 171 3.09 11.73 -10.34
N LEU A 172 2.14 12.39 -9.69
CA LEU A 172 1.33 13.42 -10.35
C LEU A 172 2.11 14.70 -10.62
N GLY A 173 3.25 14.86 -9.95
CA GLY A 173 4.12 16.02 -10.18
C GLY A 173 4.05 17.06 -9.07
N TYR A 174 3.12 16.88 -8.14
CA TYR A 174 3.05 17.74 -6.97
C TYR A 174 4.27 17.47 -6.10
N LYS A 175 4.51 18.35 -5.14
CA LYS A 175 5.53 18.11 -4.13
C LYS A 175 5.05 16.97 -3.24
N PRO A 176 5.96 16.05 -2.89
CA PRO A 176 5.53 14.89 -2.12
C PRO A 176 4.93 15.23 -0.76
N ASP A 177 5.34 16.36 -0.18
CA ASP A 177 4.87 16.74 1.16
C ASP A 177 3.78 17.81 1.13
N THR A 178 3.21 18.06 -0.04
CA THR A 178 2.21 19.11 -0.20
C THR A 178 1.13 19.04 0.89
N ASP A 179 0.58 20.20 1.24
CA ASP A 179 -0.46 20.28 2.26
C ASP A 179 -1.81 20.65 1.69
N ASN A 180 -1.89 20.64 0.36
CA ASN A 180 -3.05 21.20 -0.32
C ASN A 180 -4.22 20.25 -0.58
N PRO A 181 -5.38 20.56 0.01
CA PRO A 181 -6.66 19.84 -0.10
C PRO A 181 -7.02 19.43 -1.53
N LYS A 182 -6.84 20.33 -2.48
CA LYS A 182 -7.16 20.00 -3.86
C LYS A 182 -6.15 19.03 -4.44
N GLU A 183 -4.89 19.15 -4.03
CA GLU A 183 -3.89 18.21 -4.51
C GLU A 183 -4.06 16.82 -3.87
N LEU A 184 -4.13 16.75 -2.55
CA LEU A 184 -4.31 15.48 -1.86
C LEU A 184 -5.50 14.73 -2.43
N LYS A 185 -6.47 15.49 -2.93
CA LYS A 185 -7.67 14.92 -3.51
C LYS A 185 -7.26 14.25 -4.81
N ALA A 186 -6.54 14.99 -5.64
CA ALA A 186 -6.07 14.43 -6.90
C ALA A 186 -5.44 13.08 -6.62
N ALA A 187 -4.54 13.08 -5.64
CA ALA A 187 -3.88 11.84 -5.24
C ALA A 187 -4.96 10.81 -4.96
N GLU A 188 -6.02 11.24 -4.29
CA GLU A 188 -7.10 10.32 -3.94
C GLU A 188 -7.84 9.84 -5.18
N GLU A 189 -8.04 10.72 -6.15
CA GLU A 189 -8.77 10.37 -7.36
C GLU A 189 -7.96 9.42 -8.21
N LEU A 190 -6.65 9.47 -8.04
CA LEU A 190 -5.80 8.59 -8.79
C LEU A 190 -5.94 7.20 -8.18
N PHE A 191 -5.64 7.08 -6.90
CA PHE A 191 -5.72 5.77 -6.26
C PHE A 191 -7.08 5.14 -6.45
N LEU A 192 -8.08 5.97 -6.74
CA LEU A 192 -9.43 5.46 -6.92
C LEU A 192 -9.61 4.87 -8.31
N LYS A 193 -8.92 5.45 -9.30
CA LYS A 193 -8.97 4.89 -10.65
C LYS A 193 -8.26 3.53 -10.68
N ILE A 194 -7.35 3.29 -9.75
CA ILE A 194 -6.62 2.02 -9.74
C ILE A 194 -7.09 1.02 -8.68
N ARG A 195 -7.74 1.52 -7.64
CA ARG A 195 -8.20 0.67 -6.53
C ARG A 195 -8.83 -0.65 -6.98
N PRO A 196 -9.72 -0.61 -7.99
CA PRO A 196 -10.37 -1.85 -8.35
C PRO A 196 -9.36 -2.89 -8.87
N TYR A 197 -8.14 -2.45 -9.15
CA TYR A 197 -7.12 -3.31 -9.72
C TYR A 197 -6.02 -3.67 -8.73
N VAL A 198 -6.32 -3.58 -7.44
CA VAL A 198 -5.35 -3.86 -6.38
C VAL A 198 -5.86 -5.03 -5.52
N THR A 199 -5.07 -6.09 -5.43
CA THR A 199 -5.48 -7.23 -4.61
C THR A 199 -5.77 -6.72 -3.21
N TYR A 200 -4.78 -6.11 -2.59
CA TYR A 200 -4.95 -5.69 -1.21
C TYR A 200 -3.93 -4.66 -0.74
N PHE A 201 -4.27 -4.03 0.38
CA PHE A 201 -3.39 -3.07 1.04
C PHE A 201 -2.87 -3.71 2.31
N HIS A 202 -1.55 -3.84 2.44
CA HIS A 202 -0.99 -4.48 3.61
C HIS A 202 0.49 -4.18 3.70
N SER A 203 1.02 -4.06 4.91
CA SER A 203 2.45 -3.78 5.07
C SER A 203 3.27 -5.02 5.35
N SER A 204 2.66 -6.20 5.23
CA SER A 204 3.44 -7.42 5.45
C SER A 204 3.04 -8.63 4.59
N LYS A 205 1.76 -8.94 4.47
CA LYS A 205 1.38 -10.09 3.66
C LYS A 205 2.20 -10.19 2.36
N TYR A 206 2.31 -9.09 1.64
CA TYR A 206 2.98 -9.14 0.34
C TYR A 206 4.38 -9.79 0.35
N ILE A 207 5.05 -9.77 1.50
CA ILE A 207 6.40 -10.29 1.54
C ILE A 207 6.42 -11.74 1.07
N SER A 208 5.47 -12.54 1.53
CA SER A 208 5.51 -13.96 1.19
C SER A 208 4.83 -14.16 -0.16
N ASP A 209 3.74 -13.46 -0.39
CA ASP A 209 3.07 -13.60 -1.66
C ASP A 209 3.96 -13.20 -2.84
N LEU A 210 4.97 -12.39 -2.58
CA LEU A 210 5.89 -11.99 -3.62
C LEU A 210 6.88 -13.11 -3.79
N ALA A 211 7.11 -13.83 -2.70
CA ALA A 211 8.09 -14.90 -2.67
C ALA A 211 7.52 -16.22 -3.17
N ASN A 212 6.23 -16.46 -2.96
CA ASN A 212 5.62 -17.69 -3.43
C ASN A 212 5.02 -17.46 -4.80
N GLY A 213 4.98 -16.21 -5.21
CA GLY A 213 4.41 -15.85 -6.50
C GLY A 213 2.90 -15.86 -6.53
N ASN A 214 2.26 -15.64 -5.38
CA ASN A 214 0.81 -15.44 -5.38
C ASN A 214 0.46 -14.08 -5.94
N ILE A 215 1.42 -13.17 -5.89
CA ILE A 215 1.25 -11.87 -6.52
C ILE A 215 2.56 -11.54 -7.18
N CYS A 216 2.49 -10.65 -8.16
CA CYS A 216 3.60 -10.40 -9.07
C CYS A 216 4.14 -9.00 -8.95
N VAL A 217 3.32 -8.06 -8.48
CA VAL A 217 3.82 -6.73 -8.18
C VAL A 217 3.47 -6.25 -6.80
N ALA A 218 4.51 -5.85 -6.07
CA ALA A 218 4.34 -5.33 -4.74
C ALA A 218 5.08 -3.99 -4.55
N ILE A 219 4.34 -2.94 -4.22
CA ILE A 219 4.96 -1.71 -3.79
C ILE A 219 5.10 -1.76 -2.27
N GLY A 220 6.33 -1.74 -1.79
CA GLY A 220 6.60 -1.80 -0.35
C GLY A 220 8.01 -1.40 0.02
N TYR A 221 8.42 -1.70 1.25
CA TYR A 221 9.76 -1.32 1.71
C TYR A 221 10.82 -2.19 1.05
N SER A 222 11.96 -1.59 0.76
CA SER A 222 13.04 -2.28 0.07
C SER A 222 13.48 -3.48 0.91
N GLY A 223 13.77 -3.24 2.19
CA GLY A 223 14.22 -4.31 3.07
C GLY A 223 13.29 -5.50 2.99
N ASP A 224 11.99 -5.21 3.05
CA ASP A 224 10.96 -6.23 2.92
C ASP A 224 11.04 -6.98 1.58
N ILE A 225 11.35 -6.28 0.50
CA ILE A 225 11.35 -6.95 -0.80
C ILE A 225 12.57 -7.86 -0.95
N TYR A 226 13.70 -7.45 -0.38
CA TYR A 226 14.84 -8.34 -0.38
C TYR A 226 14.56 -9.61 0.41
N GLN A 227 14.02 -9.47 1.62
CA GLN A 227 13.60 -10.64 2.36
C GLN A 227 12.92 -11.66 1.45
N ALA A 228 11.85 -11.25 0.78
CA ALA A 228 11.18 -12.09 -0.20
C ALA A 228 12.15 -12.63 -1.26
N LYS A 229 12.94 -11.76 -1.86
CA LYS A 229 13.85 -12.19 -2.93
C LYS A 229 14.69 -13.36 -2.45
N SER A 230 15.28 -13.24 -1.28
CA SER A 230 16.13 -14.32 -0.80
C SER A 230 15.25 -15.50 -0.39
N ARG A 231 14.29 -15.25 0.49
CA ARG A 231 13.32 -16.28 0.80
C ARG A 231 12.92 -17.07 -0.43
N ALA A 232 13.05 -16.44 -1.59
CA ALA A 232 12.56 -17.03 -2.83
C ALA A 232 13.59 -17.95 -3.44
N GLU A 233 14.80 -17.43 -3.66
CA GLU A 233 15.92 -18.24 -4.13
C GLU A 233 15.99 -19.49 -3.26
N GLU A 234 15.82 -19.25 -1.97
CA GLU A 234 15.76 -20.26 -0.93
C GLU A 234 14.75 -21.36 -1.20
N ALA A 235 13.50 -20.96 -1.43
CA ALA A 235 12.40 -21.92 -1.52
C ALA A 235 12.58 -22.84 -2.72
N LYS A 236 13.68 -22.65 -3.44
CA LYS A 236 14.00 -23.48 -4.62
C LYS A 236 12.73 -23.84 -5.41
N ASN A 237 11.92 -22.83 -5.70
CA ASN A 237 10.67 -23.02 -6.44
C ASN A 237 10.59 -22.08 -7.64
N LYS A 238 11.73 -21.86 -8.29
CA LYS A 238 11.73 -21.11 -9.55
C LYS A 238 10.95 -19.80 -9.54
N VAL A 239 10.83 -19.16 -8.37
CA VAL A 239 10.28 -17.82 -8.29
C VAL A 239 11.42 -16.80 -8.24
N THR A 240 11.34 -15.76 -9.07
CA THR A 240 12.33 -14.70 -9.05
C THR A 240 11.73 -13.40 -8.51
N VAL A 241 12.46 -12.74 -7.62
CA VAL A 241 12.02 -11.47 -7.09
C VAL A 241 13.04 -10.40 -7.43
N LYS A 242 12.60 -9.41 -8.19
CA LYS A 242 13.44 -8.28 -8.53
C LYS A 242 12.93 -7.06 -7.78
N TYR A 243 13.79 -6.07 -7.59
CA TYR A 243 13.39 -4.82 -6.95
C TYR A 243 13.95 -3.63 -7.71
N ASN A 244 13.12 -2.61 -7.91
CA ASN A 244 13.56 -1.39 -8.60
C ASN A 244 13.18 -0.11 -7.89
N ILE A 245 14.04 0.90 -8.05
CA ILE A 245 13.77 2.24 -7.55
C ILE A 245 13.44 3.13 -8.74
N PRO A 246 12.16 3.41 -8.95
CA PRO A 246 11.71 4.03 -10.18
C PRO A 246 12.54 5.23 -10.64
N LYS A 247 12.88 5.26 -11.92
CA LYS A 247 13.65 6.38 -12.48
C LYS A 247 13.18 7.75 -11.98
N GLU A 248 11.88 7.88 -11.68
CA GLU A 248 11.36 9.16 -11.20
C GLU A 248 11.76 9.43 -9.75
N GLY A 249 12.64 8.59 -9.20
CA GLY A 249 13.02 8.69 -7.79
C GLY A 249 12.02 7.98 -6.89
N ALA A 250 12.19 8.11 -5.58
CA ALA A 250 11.24 7.52 -4.64
C ALA A 250 11.35 8.01 -3.20
N GLY A 251 10.37 7.63 -2.39
CA GLY A 251 10.47 7.80 -0.94
C GLY A 251 11.65 7.03 -0.38
N SER A 252 12.21 7.52 0.72
CA SER A 252 13.40 6.91 1.28
C SER A 252 13.44 7.11 2.78
N PHE A 253 14.16 6.24 3.50
CA PHE A 253 14.36 6.40 4.93
C PHE A 253 15.76 5.98 5.36
N PHE A 254 16.33 6.73 6.30
CA PHE A 254 17.65 6.41 6.81
C PHE A 254 17.62 6.30 8.32
N ASP A 255 18.42 5.39 8.86
CA ASP A 255 18.63 5.35 10.28
C ASP A 255 19.85 6.21 10.55
N MET A 256 19.71 7.16 11.48
CA MET A 256 20.74 8.18 11.68
C MET A 256 21.47 8.04 13.02
N VAL A 257 22.79 8.23 12.99
CA VAL A 257 23.57 8.19 14.21
C VAL A 257 23.71 9.60 14.76
N ALA A 258 23.07 9.87 15.89
CA ALA A 258 23.19 11.19 16.51
C ALA A 258 23.76 11.13 17.93
N ILE A 259 24.12 12.29 18.46
CA ILE A 259 24.62 12.39 19.82
C ILE A 259 23.67 13.23 20.65
N PRO A 260 23.11 12.65 21.73
CA PRO A 260 22.13 13.40 22.51
C PRO A 260 22.79 14.58 23.21
N LYS A 261 22.04 15.66 23.41
CA LYS A 261 22.59 16.85 24.05
C LYS A 261 23.12 16.55 25.46
N ASP A 262 22.34 15.78 26.23
CA ASP A 262 22.73 15.41 27.58
C ASP A 262 23.67 14.20 27.55
N ALA A 263 24.55 14.17 26.55
CA ALA A 263 25.53 13.09 26.43
C ALA A 263 26.56 13.24 27.52
N GLU A 264 26.92 12.12 28.14
CA GLU A 264 27.96 12.16 29.18
C GLU A 264 29.36 12.19 28.60
N ASN A 265 29.65 11.27 27.69
CA ASN A 265 30.96 11.26 27.05
C ASN A 265 30.93 11.78 25.60
N THR A 266 30.67 13.08 25.45
CA THR A 266 30.63 13.71 24.14
C THR A 266 31.86 13.36 23.30
N GLU A 267 33.02 13.76 23.78
CA GLU A 267 34.22 13.70 22.97
C GLU A 267 34.53 12.28 22.51
N GLY A 268 34.03 11.30 23.25
CA GLY A 268 34.18 9.90 22.86
C GLY A 268 33.22 9.55 21.74
N ALA A 269 31.98 10.01 21.88
CA ALA A 269 30.92 9.78 20.91
C ALA A 269 31.29 10.26 19.53
N LEU A 270 31.88 11.45 19.46
CA LEU A 270 32.34 11.96 18.17
C LEU A 270 33.36 11.03 17.56
N ALA A 271 34.39 10.69 18.32
CA ALA A 271 35.38 9.73 17.86
C ALA A 271 34.67 8.50 17.28
N PHE A 272 33.57 8.12 17.93
CA PHE A 272 32.83 6.92 17.56
C PHE A 272 32.17 7.07 16.20
N VAL A 273 31.52 8.22 16.00
CA VAL A 273 30.87 8.51 14.73
C VAL A 273 31.90 8.53 13.62
N ASN A 274 33.05 9.14 13.91
CA ASN A 274 34.08 9.22 12.91
C ASN A 274 34.51 7.81 12.54
N PHE A 275 34.54 6.95 13.54
CA PHE A 275 34.98 5.57 13.37
C PHE A 275 34.07 4.85 12.37
N LEU A 276 32.80 5.16 12.47
CA LEU A 276 31.76 4.51 11.68
C LEU A 276 31.86 4.85 10.21
N MET A 277 32.67 5.86 9.87
CA MET A 277 32.80 6.27 8.49
C MET A 277 34.11 5.81 7.87
N LYS A 278 34.86 4.99 8.60
CA LYS A 278 36.04 4.40 8.01
C LYS A 278 35.52 3.46 6.94
N PRO A 279 35.88 3.73 5.68
CA PRO A 279 35.32 2.96 4.59
C PRO A 279 35.06 1.53 5.01
N GLU A 280 36.13 0.78 5.28
CA GLU A 280 36.02 -0.66 5.46
C GLU A 280 35.15 -1.11 6.62
N ILE A 281 34.86 -0.21 7.57
CA ILE A 281 33.97 -0.57 8.69
C ILE A 281 32.50 -0.56 8.30
N MET A 282 32.05 0.51 7.68
CA MET A 282 30.69 0.58 7.17
C MET A 282 30.51 -0.46 6.06
N ALA A 283 31.54 -0.62 5.24
CA ALA A 283 31.50 -1.65 4.21
C ALA A 283 31.10 -2.95 4.89
N GLU A 284 31.79 -3.27 5.99
CA GLU A 284 31.57 -4.50 6.74
C GLU A 284 30.16 -4.61 7.34
N ILE A 285 29.71 -3.56 8.02
CA ILE A 285 28.39 -3.60 8.63
C ILE A 285 27.35 -4.05 7.61
N THR A 286 27.48 -3.57 6.37
CA THR A 286 26.52 -3.86 5.30
C THR A 286 26.61 -5.28 4.73
N ASP A 287 27.82 -5.80 4.58
CA ASP A 287 28.01 -7.19 4.15
C ASP A 287 27.18 -8.09 5.05
N VAL A 288 26.97 -7.66 6.30
CA VAL A 288 26.29 -8.49 7.29
C VAL A 288 24.78 -8.29 7.31
N VAL A 289 24.33 -7.09 7.66
CA VAL A 289 22.88 -6.85 7.69
C VAL A 289 22.33 -6.60 6.29
N GLN A 290 23.18 -6.05 5.41
CA GLN A 290 22.86 -5.97 3.98
C GLN A 290 21.88 -4.88 3.55
N PHE A 291 21.95 -3.74 4.20
CA PHE A 291 21.19 -2.58 3.76
C PHE A 291 22.20 -1.53 3.35
N PRO A 292 21.88 -0.73 2.32
CA PRO A 292 22.86 0.25 1.89
C PRO A 292 23.16 1.22 3.03
N ASN A 293 24.32 1.86 2.96
CA ASN A 293 24.72 2.80 4.00
C ASN A 293 25.02 4.16 3.41
N GLY A 294 25.35 5.12 4.27
CA GLY A 294 25.57 6.48 3.83
C GLY A 294 26.97 6.73 3.28
N ASN A 295 27.75 5.67 3.16
CA ASN A 295 29.17 5.87 2.87
C ASN A 295 29.59 5.61 1.44
N ALA A 296 29.84 6.69 0.71
CA ALA A 296 30.16 6.60 -0.70
C ALA A 296 31.49 5.91 -0.91
N ALA A 297 32.51 6.38 -0.20
CA ALA A 297 33.85 5.86 -0.42
C ALA A 297 33.99 4.48 0.21
N ALA A 298 32.91 4.00 0.82
CA ALA A 298 32.90 2.65 1.36
C ALA A 298 32.50 1.66 0.28
N THR A 299 31.57 2.07 -0.56
CA THR A 299 30.96 1.17 -1.54
C THR A 299 31.91 0.18 -2.22
N PRO A 300 33.01 0.68 -2.83
CA PRO A 300 33.79 -0.24 -3.66
C PRO A 300 34.32 -1.41 -2.84
N LEU A 301 34.24 -1.29 -1.51
CA LEU A 301 34.70 -2.35 -0.62
C LEU A 301 33.60 -3.40 -0.40
N VAL A 302 32.35 -2.96 -0.51
CA VAL A 302 31.18 -3.80 -0.24
C VAL A 302 31.10 -5.02 -1.18
N SER A 303 30.68 -6.15 -0.62
CA SER A 303 30.61 -7.41 -1.35
C SER A 303 30.05 -7.32 -2.76
N GLU A 304 30.85 -7.72 -3.74
CA GLU A 304 30.45 -7.67 -5.16
C GLU A 304 28.96 -7.91 -5.40
N ALA A 305 28.36 -8.82 -4.64
CA ALA A 305 26.97 -9.20 -4.86
C ALA A 305 26.00 -8.11 -4.43
N ILE A 306 26.34 -7.43 -3.33
CA ILE A 306 25.50 -6.35 -2.79
C ILE A 306 25.83 -5.02 -3.46
N ARG A 307 27.08 -4.89 -3.86
CA ARG A 307 27.62 -3.66 -4.43
C ARG A 307 27.05 -3.43 -5.82
N ASN A 308 26.87 -4.52 -6.57
CA ASN A 308 26.47 -4.42 -7.97
C ASN A 308 24.97 -4.51 -8.20
N ASP A 309 24.20 -4.51 -7.11
CA ASP A 309 22.76 -4.67 -7.23
C ASP A 309 22.01 -3.34 -7.26
N PRO A 310 21.71 -2.84 -8.47
CA PRO A 310 21.13 -1.52 -8.58
C PRO A 310 19.89 -1.43 -7.70
N GLY A 311 19.43 -2.57 -7.20
CA GLY A 311 18.23 -2.61 -6.37
C GLY A 311 18.58 -2.13 -4.98
N ILE A 312 19.86 -1.90 -4.77
CA ILE A 312 20.38 -1.44 -3.49
C ILE A 312 21.31 -0.27 -3.74
N TYR A 313 22.01 -0.34 -4.87
CA TYR A 313 22.93 0.73 -5.23
C TYR A 313 22.64 1.21 -6.65
N PRO A 314 21.56 1.98 -6.72
CA PRO A 314 20.80 2.84 -7.61
C PRO A 314 21.69 3.73 -8.49
N SER A 315 21.12 4.20 -9.61
CA SER A 315 21.86 4.98 -10.60
C SER A 315 22.57 6.20 -10.01
N GLU A 316 22.19 6.59 -8.82
CA GLU A 316 22.81 7.76 -8.26
C GLU A 316 22.57 8.93 -9.19
N GLU A 317 21.70 8.69 -10.16
CA GLU A 317 21.05 9.75 -10.89
C GLU A 317 19.66 9.68 -10.25
N VAL A 318 19.34 8.48 -9.79
CA VAL A 318 18.15 8.24 -9.00
C VAL A 318 18.39 8.73 -7.59
N MET A 319 19.61 8.55 -7.10
CA MET A 319 19.96 9.05 -5.78
C MET A 319 19.46 10.47 -5.64
N LYS A 320 19.69 11.27 -6.69
CA LYS A 320 19.40 12.69 -6.66
C LYS A 320 17.91 12.98 -6.63
N LYS A 321 17.11 12.06 -7.16
CA LYS A 321 15.67 12.22 -7.21
C LYS A 321 14.96 11.58 -6.01
N LEU A 322 15.71 11.30 -4.95
CA LEU A 322 15.15 10.68 -3.75
C LEU A 322 14.57 11.71 -2.77
N TYR A 323 13.53 11.31 -2.02
CA TYR A 323 12.94 12.20 -1.02
C TYR A 323 12.65 11.55 0.34
N THR A 324 12.66 12.37 1.39
CA THR A 324 12.33 11.89 2.73
C THR A 324 10.83 12.10 2.97
N PHE A 325 10.39 11.95 4.22
CA PHE A 325 8.98 12.11 4.57
C PHE A 325 8.83 13.16 5.66
N PRO A 326 7.81 14.01 5.54
CA PRO A 326 7.89 15.18 6.39
C PRO A 326 7.29 14.87 7.74
N ASP A 327 7.32 15.85 8.63
CA ASP A 327 6.51 15.82 9.83
C ASP A 327 5.18 16.47 9.45
N LEU A 328 4.15 15.65 9.26
CA LEU A 328 2.89 16.18 8.80
C LEU A 328 2.10 16.83 9.93
N PRO A 329 1.41 17.93 9.61
CA PRO A 329 0.53 18.69 10.51
C PRO A 329 -0.86 18.05 10.64
N ALA A 330 -1.44 18.15 11.84
CA ALA A 330 -2.69 17.46 12.14
C ALA A 330 -3.70 17.41 11.00
N LYS A 331 -4.01 18.57 10.42
CA LYS A 331 -5.06 18.68 9.40
C LYS A 331 -4.83 17.67 8.26
N THR A 332 -3.64 17.74 7.66
CA THR A 332 -3.20 16.77 6.66
C THR A 332 -3.33 15.35 7.19
N GLN A 333 -2.48 15.03 8.16
CA GLN A 333 -2.55 13.76 8.89
C GLN A 333 -3.90 13.03 8.79
N ARG A 334 -4.95 13.60 9.38
CA ARG A 334 -6.25 12.93 9.37
C ARG A 334 -6.97 13.15 8.04
N ALA A 335 -6.51 14.13 7.28
CA ALA A 335 -7.01 14.33 5.93
C ALA A 335 -6.66 13.08 5.13
N MET A 336 -5.45 12.59 5.37
CA MET A 336 -4.96 11.40 4.70
C MET A 336 -5.73 10.17 5.16
N THR A 337 -5.84 9.99 6.46
CA THR A 337 -6.57 8.85 6.98
C THR A 337 -7.93 8.75 6.30
N ARG A 338 -8.70 9.82 6.38
CA ARG A 338 -10.01 9.86 5.74
C ARG A 338 -9.91 9.49 4.25
N SER A 339 -8.87 9.99 3.59
CA SER A 339 -8.60 9.63 2.21
C SER A 339 -8.43 8.13 2.14
N TRP A 340 -7.34 7.64 2.73
CA TRP A 340 -7.01 6.23 2.71
C TRP A 340 -8.27 5.41 2.98
N THR A 341 -8.98 5.73 4.05
CA THR A 341 -10.17 4.95 4.40
C THR A 341 -11.10 4.74 3.21
N LYS A 342 -11.46 5.83 2.53
CA LYS A 342 -12.35 5.69 1.38
C LYS A 342 -11.67 4.85 0.30
N ILE A 343 -10.37 5.08 0.09
CA ILE A 343 -9.63 4.38 -0.94
C ILE A 343 -9.78 2.87 -0.81
N LYS A 344 -9.39 2.32 0.33
CA LYS A 344 -9.50 0.88 0.53
C LYS A 344 -10.87 0.34 0.11
N SER A 345 -11.91 0.58 0.92
CA SER A 345 -13.24 0.15 0.52
C SER A 345 -13.71 0.92 -0.72
N ASP B 6 -45.52 8.56 -17.32
CA ASP B 6 -46.04 9.96 -17.42
C ASP B 6 -45.16 10.82 -18.33
N ASN B 7 -45.80 11.55 -19.23
CA ASN B 7 -45.10 12.25 -20.29
C ASN B 7 -45.02 13.75 -20.04
N LYS B 8 -45.77 14.21 -19.05
CA LYS B 8 -45.73 15.62 -18.68
C LYS B 8 -44.80 15.79 -17.50
N VAL B 9 -44.04 14.74 -17.21
CA VAL B 9 -43.02 14.81 -16.18
C VAL B 9 -41.65 14.97 -16.81
N LEU B 10 -40.96 16.03 -16.41
CA LEU B 10 -39.62 16.31 -16.91
C LEU B 10 -38.71 16.40 -15.70
N HIS B 11 -37.63 15.65 -15.72
CA HIS B 11 -36.67 15.75 -14.64
C HIS B 11 -35.46 16.59 -15.03
N VAL B 12 -35.36 17.74 -14.39
CA VAL B 12 -34.28 18.66 -14.69
C VAL B 12 -33.37 18.87 -13.50
N TYR B 13 -32.08 18.74 -13.74
CA TYR B 13 -31.07 18.79 -12.69
C TYR B 13 -30.04 19.80 -13.15
N ASN B 14 -29.89 20.88 -12.39
CA ASN B 14 -29.05 21.97 -12.83
C ASN B 14 -28.36 22.66 -11.68
N TRP B 15 -27.34 23.45 -11.99
CA TRP B 15 -26.64 24.23 -11.00
C TRP B 15 -27.62 25.06 -10.19
N SER B 16 -27.26 25.39 -8.96
CA SER B 16 -28.12 26.22 -8.14
C SER B 16 -28.06 27.65 -8.65
N ASP B 17 -29.13 28.39 -8.42
CA ASP B 17 -29.22 29.80 -8.82
C ASP B 17 -28.85 30.00 -10.29
N TYR B 18 -29.28 29.08 -11.13
CA TYR B 18 -28.85 29.10 -12.53
C TYR B 18 -30.03 29.11 -13.52
N ILE B 19 -31.07 29.86 -13.21
CA ILE B 19 -32.28 29.88 -14.04
C ILE B 19 -33.14 31.11 -13.76
N ALA B 20 -34.12 31.33 -14.63
CA ALA B 20 -35.03 32.47 -14.50
C ALA B 20 -36.02 32.20 -13.39
N PRO B 21 -36.53 33.26 -12.75
CA PRO B 21 -37.43 33.07 -11.64
C PRO B 21 -38.64 32.24 -12.06
N ASP B 22 -39.02 32.34 -13.33
CA ASP B 22 -40.17 31.56 -13.77
C ASP B 22 -40.03 31.04 -15.20
N THR B 23 -38.84 30.59 -15.57
CA THR B 23 -38.68 29.91 -16.84
C THR B 23 -39.57 28.67 -16.86
N LEU B 24 -39.48 27.87 -15.81
CA LEU B 24 -40.18 26.59 -15.77
C LEU B 24 -41.68 26.75 -16.00
N GLU B 25 -42.30 27.68 -15.29
CA GLU B 25 -43.71 27.97 -15.51
C GLU B 25 -43.94 28.01 -17.02
N LYS B 26 -43.53 29.14 -17.61
CA LYS B 26 -43.60 29.34 -19.05
C LYS B 26 -43.44 28.07 -19.86
N PHE B 27 -42.45 27.24 -19.51
CA PHE B 27 -42.27 25.99 -20.21
C PHE B 27 -43.57 25.22 -20.14
N THR B 28 -43.82 24.62 -18.99
CA THR B 28 -45.10 24.00 -18.70
C THR B 28 -46.23 24.74 -19.40
N LYS B 29 -46.37 26.02 -19.08
CA LYS B 29 -47.46 26.82 -19.63
C LYS B 29 -47.48 26.90 -21.16
N GLU B 30 -46.44 26.39 -21.81
CA GLU B 30 -46.41 26.34 -23.28
C GLU B 30 -46.37 24.89 -23.78
N THR B 31 -46.12 23.97 -22.86
CA THR B 31 -45.86 22.59 -23.26
C THR B 31 -46.83 21.65 -22.58
N GLY B 32 -47.33 22.08 -21.43
CA GLY B 32 -48.11 21.21 -20.57
C GLY B 32 -47.22 20.17 -19.94
N ILE B 33 -45.93 20.45 -19.88
CA ILE B 33 -44.99 19.53 -19.26
C ILE B 33 -44.47 20.06 -17.92
N LYS B 34 -44.78 19.34 -16.85
CA LYS B 34 -44.35 19.75 -15.53
C LYS B 34 -42.93 19.29 -15.26
N VAL B 35 -42.16 20.12 -14.56
CA VAL B 35 -40.75 19.82 -14.33
C VAL B 35 -40.39 19.63 -12.86
N VAL B 36 -39.70 18.55 -12.55
CA VAL B 36 -39.14 18.38 -11.23
C VAL B 36 -37.73 18.97 -11.26
N TYR B 37 -37.53 20.05 -10.50
CA TYR B 37 -36.31 20.82 -10.60
C TYR B 37 -35.41 20.66 -9.37
N ASP B 38 -34.31 19.94 -9.54
CA ASP B 38 -33.32 19.75 -8.49
C ASP B 38 -32.01 20.47 -8.83
N VAL B 39 -31.23 20.84 -7.82
CA VAL B 39 -30.02 21.61 -8.09
C VAL B 39 -28.78 21.07 -7.36
N TYR B 40 -27.64 21.12 -8.04
CA TYR B 40 -26.37 20.68 -7.46
C TYR B 40 -25.42 21.85 -7.33
N ASP B 41 -24.28 21.63 -6.67
CA ASP B 41 -23.32 22.71 -6.43
C ASP B 41 -21.89 22.43 -6.94
N SER B 42 -21.65 21.24 -7.44
CA SER B 42 -20.36 20.89 -8.02
C SER B 42 -20.55 19.83 -9.10
N ASN B 43 -19.64 19.80 -10.07
CA ASN B 43 -19.73 18.83 -11.15
C ASN B 43 -19.74 17.40 -10.65
N GLU B 44 -18.90 17.13 -9.65
CA GLU B 44 -18.72 15.78 -9.12
C GLU B 44 -20.01 15.13 -8.57
N VAL B 45 -20.82 15.90 -7.86
CA VAL B 45 -22.10 15.39 -7.38
C VAL B 45 -22.92 14.89 -8.55
N LEU B 46 -22.97 15.70 -9.60
CA LEU B 46 -23.65 15.33 -10.82
C LEU B 46 -22.99 14.13 -11.49
N GLU B 47 -21.68 14.19 -11.72
CA GLU B 47 -21.01 13.08 -12.39
C GLU B 47 -21.29 11.81 -11.60
N ALA B 48 -21.17 11.92 -10.28
CA ALA B 48 -21.38 10.77 -9.42
C ALA B 48 -22.75 10.15 -9.69
N LYS B 49 -23.75 11.01 -9.89
CA LYS B 49 -25.10 10.53 -10.15
C LYS B 49 -25.21 9.72 -11.44
N LEU B 50 -24.73 10.31 -12.53
CA LEU B 50 -24.88 9.70 -13.83
C LEU B 50 -24.18 8.36 -13.87
N LEU B 51 -23.04 8.28 -13.20
CA LEU B 51 -22.22 7.08 -13.27
C LEU B 51 -22.77 5.99 -12.37
N ALA B 52 -23.47 6.39 -11.31
CA ALA B 52 -24.11 5.45 -10.41
C ALA B 52 -25.31 4.82 -11.10
N GLY B 53 -25.21 4.68 -12.42
CA GLY B 53 -26.22 3.96 -13.18
C GLY B 53 -27.50 4.74 -13.43
N LYS B 54 -28.34 4.87 -12.40
CA LYS B 54 -29.68 5.41 -12.62
C LYS B 54 -29.85 6.87 -12.18
N SER B 55 -29.92 7.75 -13.17
CA SER B 55 -30.04 9.17 -12.92
C SER B 55 -31.39 9.50 -12.33
N GLY B 56 -32.44 9.11 -13.06
CA GLY B 56 -33.79 9.60 -12.77
C GLY B 56 -33.92 10.98 -13.37
N TYR B 57 -33.05 11.27 -14.34
CA TYR B 57 -32.98 12.60 -14.93
C TYR B 57 -33.08 12.61 -16.45
N ASP B 58 -33.76 13.62 -16.97
CA ASP B 58 -33.96 13.73 -18.41
C ASP B 58 -33.00 14.76 -18.99
N VAL B 59 -32.69 15.79 -18.21
CA VAL B 59 -31.76 16.80 -18.65
C VAL B 59 -30.89 17.29 -17.51
N VAL B 60 -29.59 17.34 -17.77
CA VAL B 60 -28.62 17.84 -16.81
C VAL B 60 -27.74 18.83 -17.51
N VAL B 61 -27.06 19.68 -16.75
CA VAL B 61 -26.19 20.69 -17.34
C VAL B 61 -24.81 20.70 -16.72
N PRO B 62 -23.96 19.77 -17.15
CA PRO B 62 -22.59 19.62 -16.70
C PRO B 62 -21.72 20.63 -17.40
N SER B 63 -20.54 20.86 -16.87
CA SER B 63 -19.59 21.77 -17.50
C SER B 63 -18.84 21.10 -18.66
N ASN B 64 -18.55 21.88 -19.69
CA ASN B 64 -17.96 21.34 -20.90
C ASN B 64 -16.75 20.44 -20.62
N SER B 65 -15.99 20.73 -19.57
CA SER B 65 -14.81 19.90 -19.28
C SER B 65 -15.22 18.51 -18.83
N PHE B 66 -16.33 18.41 -18.09
CA PHE B 66 -16.87 17.11 -17.71
C PHE B 66 -17.67 16.50 -18.85
N LEU B 67 -18.55 17.31 -19.43
CA LEU B 67 -19.26 16.89 -20.61
C LEU B 67 -18.34 16.03 -21.45
N ALA B 68 -17.13 16.54 -21.71
CA ALA B 68 -16.24 15.92 -22.68
C ALA B 68 -15.83 14.50 -22.27
N LYS B 69 -15.41 14.34 -21.02
CA LYS B 69 -15.04 13.01 -20.55
C LYS B 69 -16.26 12.11 -20.54
N GLN B 70 -17.36 12.64 -20.02
CA GLN B 70 -18.61 11.89 -19.92
C GLN B 70 -19.06 11.39 -21.28
N ILE B 71 -18.83 12.21 -22.29
CA ILE B 71 -19.16 11.82 -23.65
C ILE B 71 -18.45 10.50 -23.93
N LYS B 72 -17.13 10.53 -23.81
CA LYS B 72 -16.29 9.36 -24.00
C LYS B 72 -16.74 8.16 -23.17
N ALA B 73 -17.55 8.41 -22.15
CA ALA B 73 -18.02 7.31 -21.31
C ALA B 73 -19.42 6.85 -21.72
N GLY B 74 -19.85 7.25 -22.91
CA GLY B 74 -21.16 6.88 -23.41
C GLY B 74 -22.21 7.21 -22.38
N VAL B 75 -22.19 8.44 -21.87
CA VAL B 75 -23.15 8.85 -20.87
C VAL B 75 -24.40 9.56 -21.41
N TYR B 76 -24.32 10.09 -22.63
CA TYR B 76 -25.46 10.82 -23.18
C TYR B 76 -25.88 10.29 -24.53
N GLN B 77 -27.13 10.51 -24.87
CA GLN B 77 -27.60 10.29 -26.23
C GLN B 77 -27.30 11.56 -27.03
N LYS B 78 -26.86 11.39 -28.27
CA LYS B 78 -26.69 12.53 -29.14
C LYS B 78 -28.05 13.20 -29.32
N LEU B 79 -28.07 14.53 -29.39
CA LEU B 79 -29.33 15.24 -29.55
C LEU B 79 -29.93 14.93 -30.91
N ASP B 80 -31.25 14.73 -30.95
CA ASP B 80 -31.97 14.63 -32.21
C ASP B 80 -32.23 16.06 -32.68
N LYS B 81 -31.32 16.59 -33.48
CA LYS B 81 -31.41 17.98 -33.90
C LYS B 81 -32.73 18.27 -34.62
N SER B 82 -33.28 17.25 -35.27
CA SER B 82 -34.53 17.40 -36.02
C SER B 82 -35.67 17.93 -35.17
N LYS B 83 -35.52 17.86 -33.85
CA LYS B 83 -36.56 18.34 -32.95
C LYS B 83 -36.01 19.47 -32.11
N LEU B 84 -35.14 20.27 -32.74
CA LEU B 84 -34.50 21.41 -32.11
C LEU B 84 -34.37 22.55 -33.12
N PRO B 85 -35.51 23.02 -33.63
CA PRO B 85 -35.54 24.08 -34.65
C PRO B 85 -34.77 25.34 -34.23
N ASN B 86 -34.61 25.54 -32.93
CA ASN B 86 -33.95 26.74 -32.42
C ASN B 86 -32.43 26.70 -32.43
N TRP B 87 -31.89 25.59 -32.91
CA TRP B 87 -30.44 25.45 -33.10
C TRP B 87 -29.83 26.66 -33.80
N LYS B 88 -30.56 27.22 -34.75
CA LYS B 88 -30.06 28.36 -35.52
C LYS B 88 -29.70 29.55 -34.65
N ASN B 89 -30.31 29.65 -33.48
CA ASN B 89 -30.08 30.79 -32.62
C ASN B 89 -28.76 30.69 -31.88
N LEU B 90 -28.19 29.50 -31.85
CA LEU B 90 -26.94 29.27 -31.16
C LEU B 90 -25.82 30.03 -31.85
N ASN B 91 -24.99 30.71 -31.06
CA ASN B 91 -23.83 31.42 -31.57
C ASN B 91 -22.84 30.48 -32.25
N LYS B 92 -22.78 30.53 -33.59
CA LYS B 92 -21.93 29.60 -34.36
C LYS B 92 -20.46 29.61 -33.93
N ASP B 93 -20.00 30.77 -33.47
CA ASP B 93 -18.64 30.89 -33.00
C ASP B 93 -18.37 30.06 -31.75
N LEU B 94 -19.21 30.22 -30.73
CA LEU B 94 -19.10 29.44 -29.50
C LEU B 94 -19.31 27.95 -29.76
N MET B 95 -20.28 27.64 -30.64
CA MET B 95 -20.52 26.26 -31.00
C MET B 95 -19.23 25.60 -31.46
N HIS B 96 -18.65 26.08 -32.54
CA HIS B 96 -17.45 25.47 -33.11
C HIS B 96 -16.32 25.35 -32.09
N THR B 97 -16.09 26.42 -31.33
CA THR B 97 -15.02 26.38 -30.35
C THR B 97 -15.27 25.31 -29.28
N LEU B 98 -16.48 24.74 -29.29
CA LEU B 98 -16.86 23.72 -28.31
C LEU B 98 -16.68 22.31 -28.88
N GLU B 99 -16.39 22.22 -30.16
CA GLU B 99 -16.24 20.94 -30.82
C GLU B 99 -15.15 20.10 -30.15
N VAL B 100 -14.14 20.79 -29.62
CA VAL B 100 -13.05 20.12 -28.94
C VAL B 100 -13.52 19.51 -27.63
N SER B 101 -14.84 19.46 -27.45
CA SER B 101 -15.43 18.88 -26.25
C SER B 101 -16.59 18.02 -26.66
N ASP B 102 -17.40 18.55 -27.58
CA ASP B 102 -18.53 17.85 -28.11
C ASP B 102 -18.41 17.89 -29.62
N PRO B 103 -17.61 17.00 -30.20
CA PRO B 103 -17.35 17.07 -31.64
C PRO B 103 -18.66 17.18 -32.41
N GLY B 104 -18.72 18.10 -33.35
CA GLY B 104 -19.95 18.30 -34.11
C GLY B 104 -21.14 18.53 -33.21
N ASN B 105 -20.93 19.26 -32.11
CA ASN B 105 -22.00 19.67 -31.21
C ASN B 105 -23.13 18.66 -31.25
N GLU B 106 -22.80 17.42 -30.93
CA GLU B 106 -23.76 16.31 -30.99
C GLU B 106 -24.58 16.11 -29.72
N HIS B 107 -24.09 16.61 -28.59
CA HIS B 107 -24.70 16.26 -27.30
C HIS B 107 -25.25 17.40 -26.47
N ALA B 108 -24.65 18.58 -26.55
CA ALA B 108 -25.10 19.64 -25.67
C ALA B 108 -25.09 20.99 -26.37
N ILE B 109 -25.84 21.92 -25.81
CA ILE B 109 -25.78 23.30 -26.26
C ILE B 109 -25.31 24.15 -25.09
N PRO B 110 -24.62 25.26 -25.38
CA PRO B 110 -24.04 26.04 -24.31
C PRO B 110 -25.10 26.86 -23.61
N TYR B 111 -25.25 26.64 -22.31
CA TYR B 111 -26.21 27.37 -21.50
C TYR B 111 -25.65 28.75 -21.17
N MET B 112 -24.80 28.80 -20.15
CA MET B 112 -24.02 29.99 -19.82
C MET B 112 -22.54 29.64 -19.69
N TRP B 113 -21.68 30.65 -19.69
CA TRP B 113 -20.25 30.41 -19.79
C TRP B 113 -19.44 31.60 -19.33
N GLY B 114 -18.16 31.38 -19.05
CA GLY B 114 -17.27 32.45 -18.63
C GLY B 114 -15.92 32.31 -19.28
N THR B 115 -14.99 33.18 -18.89
CA THR B 115 -13.65 33.16 -19.46
C THR B 115 -12.62 33.34 -18.35
N ILE B 116 -11.34 33.12 -18.68
CA ILE B 116 -10.25 33.40 -17.76
C ILE B 116 -9.45 34.59 -18.27
N GLY B 117 -9.80 35.78 -17.81
CA GLY B 117 -9.21 37.00 -18.35
C GLY B 117 -8.62 37.91 -17.29
N ILE B 118 -8.63 39.21 -17.56
CA ILE B 118 -8.03 40.20 -16.66
C ILE B 118 -9.02 40.92 -15.76
N GLY B 119 -8.87 40.71 -14.46
CA GLY B 119 -9.57 41.51 -13.46
C GLY B 119 -8.58 42.54 -12.91
N TYR B 120 -9.02 43.77 -12.73
CA TYR B 120 -8.12 44.81 -12.29
C TYR B 120 -8.82 46.06 -11.76
N ASN B 121 -8.02 46.97 -11.22
CA ASN B 121 -8.53 48.20 -10.64
C ASN B 121 -8.00 49.39 -11.42
N PRO B 122 -8.88 50.02 -12.21
CA PRO B 122 -8.35 50.91 -13.24
C PRO B 122 -7.60 52.09 -12.66
N ASP B 123 -8.03 52.56 -11.50
CA ASP B 123 -7.39 53.69 -10.84
C ASP B 123 -6.00 53.29 -10.35
N LYS B 124 -5.92 52.16 -9.67
CA LYS B 124 -4.65 51.65 -9.19
C LYS B 124 -3.71 51.31 -10.34
N VAL B 125 -4.22 50.65 -11.37
CA VAL B 125 -3.37 50.31 -12.50
C VAL B 125 -2.87 51.57 -13.20
N LYS B 126 -3.71 52.59 -13.25
CA LYS B 126 -3.31 53.82 -13.92
C LYS B 126 -2.27 54.55 -13.08
N ALA B 127 -2.38 54.42 -11.77
CA ALA B 127 -1.45 55.09 -10.87
C ALA B 127 -0.14 54.34 -10.88
N ALA B 128 -0.21 53.03 -11.05
CA ALA B 128 0.95 52.18 -10.89
C ALA B 128 1.72 52.00 -12.20
N PHE B 129 0.99 51.93 -13.31
CA PHE B 129 1.62 51.72 -14.61
C PHE B 129 1.84 53.03 -15.36
N GLY B 130 0.90 53.95 -15.18
CA GLY B 130 0.87 55.19 -15.94
C GLY B 130 -0.28 55.12 -16.92
N ASP B 131 -0.39 56.09 -17.81
CA ASP B 131 -1.41 56.04 -18.85
C ASP B 131 -1.10 54.89 -19.80
N ASN B 132 -2.12 54.44 -20.50
CA ASN B 132 -1.93 53.43 -21.53
C ASN B 132 -1.35 52.16 -20.96
N ALA B 133 -1.82 51.77 -19.78
CA ALA B 133 -1.52 50.44 -19.29
C ALA B 133 -2.21 49.52 -20.29
N PRO B 134 -1.47 48.59 -20.89
CA PRO B 134 -2.04 47.72 -21.92
C PRO B 134 -3.12 46.84 -21.32
N VAL B 135 -4.15 47.49 -20.80
CA VAL B 135 -5.19 46.86 -20.02
C VAL B 135 -6.14 45.98 -20.86
N ASP B 136 -5.85 45.84 -22.16
CA ASP B 136 -6.66 45.00 -23.03
C ASP B 136 -5.85 43.87 -23.66
N SER B 137 -4.63 43.65 -23.16
CA SER B 137 -3.79 42.61 -23.71
C SER B 137 -3.02 41.81 -22.65
N TRP B 138 -2.81 40.54 -22.94
CA TRP B 138 -2.01 39.69 -22.08
C TRP B 138 -0.63 40.31 -21.88
N ASP B 139 -0.32 41.32 -22.68
CA ASP B 139 0.95 42.03 -22.54
C ASP B 139 1.08 42.66 -21.18
N LEU B 140 -0.06 42.87 -20.52
CA LEU B 140 -0.05 43.55 -19.24
C LEU B 140 0.72 42.77 -18.18
N VAL B 141 0.66 41.44 -18.25
CA VAL B 141 1.21 40.58 -17.22
C VAL B 141 2.30 39.67 -17.75
N PHE B 142 2.38 39.51 -19.06
CA PHE B 142 3.32 38.55 -19.59
C PHE B 142 4.58 39.23 -20.17
N LYS B 143 4.62 40.55 -20.12
CA LYS B 143 5.84 41.26 -20.45
C LYS B 143 6.50 41.67 -19.15
N PRO B 144 7.66 41.09 -18.85
CA PRO B 144 8.35 41.53 -17.65
C PRO B 144 8.22 43.03 -17.40
N GLU B 145 8.67 43.86 -18.35
CA GLU B 145 8.77 45.30 -18.08
C GLU B 145 7.43 45.94 -17.72
N ASN B 146 6.34 45.24 -18.03
CA ASN B 146 5.01 45.72 -17.67
C ASN B 146 4.61 45.29 -16.28
N ILE B 147 4.49 43.98 -16.06
CA ILE B 147 3.97 43.46 -14.79
C ILE B 147 4.76 43.99 -13.62
N GLN B 148 6.06 44.16 -13.84
CA GLN B 148 6.96 44.67 -12.84
C GLN B 148 6.43 45.94 -12.16
N LYS B 149 5.96 46.89 -12.96
CA LYS B 149 5.43 48.12 -12.40
C LYS B 149 4.24 47.92 -11.46
N LEU B 150 3.64 46.73 -11.49
CA LEU B 150 2.45 46.46 -10.68
C LEU B 150 2.75 45.59 -9.46
N LYS B 151 4.02 45.25 -9.27
CA LYS B 151 4.36 44.33 -8.18
C LYS B 151 3.70 44.76 -6.89
N GLN B 152 3.81 46.03 -6.57
CA GLN B 152 3.34 46.45 -5.27
C GLN B 152 1.86 46.68 -5.25
N CYS B 153 1.31 46.85 -6.43
CA CYS B 153 -0.05 47.21 -6.61
C CYS B 153 -0.70 45.86 -6.35
N GLY B 154 0.10 44.83 -6.61
CA GLY B 154 -0.30 43.44 -6.38
C GLY B 154 -0.99 42.78 -7.56
N VAL B 155 -0.43 41.67 -8.02
CA VAL B 155 -0.98 40.92 -9.14
C VAL B 155 -1.11 39.45 -8.78
N SER B 156 -2.21 38.83 -9.17
CA SER B 156 -2.46 37.46 -8.72
C SER B 156 -2.88 36.56 -9.87
N PHE B 157 -2.43 35.31 -9.82
CA PHE B 157 -2.82 34.35 -10.83
C PHE B 157 -3.58 33.24 -10.15
N LEU B 158 -4.55 32.64 -10.87
CA LEU B 158 -5.21 31.46 -10.35
C LEU B 158 -4.14 30.46 -9.95
N ASP B 159 -4.40 29.64 -8.93
CA ASP B 159 -3.52 28.52 -8.70
C ASP B 159 -4.04 27.35 -9.53
N SER B 160 -3.57 27.23 -10.76
CA SER B 160 -4.20 26.31 -11.69
C SER B 160 -3.39 26.10 -12.96
N PRO B 161 -2.47 25.13 -12.93
CA PRO B 161 -1.47 25.01 -13.98
C PRO B 161 -2.17 24.73 -15.29
N THR B 162 -3.09 23.77 -15.27
CA THR B 162 -3.75 23.33 -16.49
C THR B 162 -4.57 24.42 -17.18
N GLU B 163 -4.83 25.53 -16.49
CA GLU B 163 -5.59 26.62 -17.11
C GLU B 163 -4.72 27.86 -17.33
N ILE B 164 -3.84 28.12 -16.37
CA ILE B 164 -2.99 29.27 -16.49
C ILE B 164 -1.86 29.05 -17.49
N LEU B 165 -1.20 27.90 -17.44
CA LEU B 165 -0.11 27.65 -18.37
C LEU B 165 -0.53 27.87 -19.81
N PRO B 166 -1.70 27.36 -20.19
CA PRO B 166 -2.14 27.61 -21.55
C PRO B 166 -2.24 29.09 -21.88
N ALA B 167 -2.52 29.94 -20.89
CA ALA B 167 -2.51 31.37 -21.16
C ALA B 167 -1.13 31.80 -21.63
N ALA B 168 -0.11 31.23 -20.99
CA ALA B 168 1.26 31.54 -21.37
C ALA B 168 1.57 30.97 -22.74
N LEU B 169 1.19 29.71 -22.97
CA LEU B 169 1.40 29.07 -24.27
C LEU B 169 0.78 29.94 -25.34
N HIS B 170 -0.49 30.24 -25.16
CA HIS B 170 -1.21 31.03 -26.14
C HIS B 170 -0.51 32.35 -26.37
N TYR B 171 -0.01 32.93 -25.28
CA TYR B 171 0.65 34.19 -25.36
C TYR B 171 1.87 34.04 -26.27
N LEU B 172 2.55 32.92 -26.12
CA LEU B 172 3.74 32.68 -26.92
C LEU B 172 3.38 32.24 -28.33
N GLY B 173 2.09 32.29 -28.67
CA GLY B 173 1.67 31.90 -30.01
C GLY B 173 1.67 30.40 -30.27
N TYR B 174 1.86 29.60 -29.23
CA TYR B 174 1.66 28.17 -29.38
C TYR B 174 0.18 27.87 -29.21
N LYS B 175 -0.23 26.65 -29.54
CA LYS B 175 -1.59 26.24 -29.25
C LYS B 175 -1.62 25.79 -27.80
N PRO B 176 -2.64 26.24 -27.06
CA PRO B 176 -2.77 26.05 -25.61
C PRO B 176 -2.78 24.58 -25.17
N ASP B 177 -2.96 23.68 -26.13
CA ASP B 177 -3.05 22.26 -25.86
C ASP B 177 -1.72 21.55 -26.16
N THR B 178 -0.79 22.28 -26.77
CA THR B 178 0.47 21.68 -27.23
C THR B 178 0.97 20.60 -26.29
N ASP B 179 1.47 19.51 -26.87
CA ASP B 179 2.05 18.42 -26.11
C ASP B 179 3.55 18.40 -26.29
N ASN B 180 4.12 19.55 -26.64
CA ASN B 180 5.56 19.60 -26.94
C ASN B 180 6.43 20.14 -25.81
N PRO B 181 7.36 19.29 -25.32
CA PRO B 181 8.32 19.57 -24.25
C PRO B 181 9.05 20.90 -24.43
N LYS B 182 9.41 21.24 -25.66
CA LYS B 182 10.18 22.47 -25.89
C LYS B 182 9.36 23.75 -25.65
N GLU B 183 8.10 23.73 -26.06
CA GLU B 183 7.23 24.88 -25.88
C GLU B 183 6.80 24.99 -24.41
N LEU B 184 6.38 23.87 -23.84
CA LEU B 184 5.96 23.84 -22.46
C LEU B 184 7.07 24.35 -21.58
N LYS B 185 8.31 24.12 -21.99
CA LYS B 185 9.46 24.65 -21.28
C LYS B 185 9.46 26.17 -21.41
N ALA B 186 9.26 26.65 -22.63
CA ALA B 186 9.24 28.06 -22.92
C ALA B 186 8.20 28.75 -22.06
N ALA B 187 7.00 28.18 -22.03
CA ALA B 187 5.94 28.75 -21.21
C ALA B 187 6.45 28.88 -19.78
N GLU B 188 7.13 27.85 -19.30
CA GLU B 188 7.69 27.85 -17.96
C GLU B 188 8.64 29.01 -17.69
N GLU B 189 9.53 29.28 -18.64
CA GLU B 189 10.57 30.28 -18.41
C GLU B 189 10.01 31.68 -18.51
N LEU B 190 8.86 31.81 -19.15
CA LEU B 190 8.13 33.05 -19.14
C LEU B 190 7.60 33.27 -17.74
N PHE B 191 6.94 32.27 -17.17
CA PHE B 191 6.40 32.44 -15.84
C PHE B 191 7.51 32.66 -14.84
N LEU B 192 8.70 32.19 -15.15
CA LEU B 192 9.81 32.40 -14.26
C LEU B 192 10.26 33.84 -14.35
N LYS B 193 10.17 34.42 -15.54
CA LYS B 193 10.60 35.79 -15.73
C LYS B 193 9.65 36.78 -15.05
N ILE B 194 8.42 36.34 -14.75
CA ILE B 194 7.45 37.23 -14.11
C ILE B 194 7.18 36.88 -12.64
N ARG B 195 7.43 35.63 -12.25
CA ARG B 195 7.06 35.18 -10.91
C ARG B 195 7.46 36.13 -9.79
N PRO B 196 8.67 36.72 -9.86
CA PRO B 196 9.06 37.62 -8.79
C PRO B 196 8.15 38.84 -8.68
N TYR B 197 7.23 39.00 -9.60
CA TYR B 197 6.35 40.17 -9.53
C TYR B 197 4.91 39.80 -9.16
N VAL B 198 4.67 38.54 -8.86
CA VAL B 198 3.33 38.10 -8.52
C VAL B 198 3.12 37.97 -7.00
N THR B 199 2.05 38.55 -6.48
CA THR B 199 1.81 38.46 -5.03
C THR B 199 1.63 37.02 -4.67
N TYR B 200 0.75 36.34 -5.41
CA TYR B 200 0.41 35.00 -5.06
C TYR B 200 -0.39 34.27 -6.12
N PHE B 201 -0.37 32.94 -6.02
CA PHE B 201 -1.14 32.09 -6.89
C PHE B 201 -2.23 31.45 -6.05
N HIS B 202 -3.47 31.88 -6.23
CA HIS B 202 -4.57 31.33 -5.47
C HIS B 202 -5.83 31.45 -6.31
N SER B 203 -6.79 30.56 -6.07
CA SER B 203 -7.96 30.51 -6.92
C SER B 203 -9.23 31.05 -6.26
N SER B 204 -9.07 31.90 -5.24
CA SER B 204 -10.23 32.58 -4.61
C SER B 204 -9.87 33.74 -3.66
N LYS B 205 -8.71 33.68 -3.02
CA LYS B 205 -8.30 34.79 -2.17
C LYS B 205 -8.49 36.09 -2.97
N TYR B 206 -8.19 36.03 -4.25
CA TYR B 206 -8.19 37.22 -5.07
C TYR B 206 -9.58 37.88 -5.16
N ILE B 207 -10.64 37.06 -5.13
CA ILE B 207 -11.99 37.61 -5.22
C ILE B 207 -12.14 38.83 -4.33
N SER B 208 -12.04 38.64 -3.02
CA SER B 208 -12.28 39.74 -2.11
C SER B 208 -11.10 40.72 -2.11
N ASP B 209 -9.89 40.22 -2.33
CA ASP B 209 -8.73 41.11 -2.34
C ASP B 209 -8.87 42.18 -3.42
N LEU B 210 -9.49 41.81 -4.53
CA LEU B 210 -9.66 42.72 -5.63
C LEU B 210 -10.69 43.74 -5.18
N ALA B 211 -11.69 43.24 -4.46
CA ALA B 211 -12.84 44.03 -4.05
C ALA B 211 -12.44 45.01 -2.96
N ASN B 212 -11.59 44.55 -2.06
CA ASN B 212 -11.10 45.40 -0.99
C ASN B 212 -9.99 46.29 -1.51
N GLY B 213 -9.50 45.96 -2.70
CA GLY B 213 -8.41 46.68 -3.32
C GLY B 213 -7.07 46.42 -2.66
N ASN B 214 -6.92 45.25 -2.05
CA ASN B 214 -5.65 44.84 -1.47
C ASN B 214 -4.67 44.48 -2.59
N ILE B 215 -5.24 44.17 -3.76
CA ILE B 215 -4.43 43.92 -4.95
C ILE B 215 -5.12 44.62 -6.07
N CYS B 216 -4.48 44.68 -7.23
CA CYS B 216 -4.99 45.52 -8.28
C CYS B 216 -5.14 44.84 -9.63
N VAL B 217 -4.42 43.75 -9.83
CA VAL B 217 -4.58 42.98 -11.06
C VAL B 217 -4.66 41.50 -10.76
N ALA B 218 -5.76 40.87 -11.16
CA ALA B 218 -5.97 39.46 -10.86
C ALA B 218 -6.44 38.68 -12.08
N ILE B 219 -5.64 37.70 -12.48
CA ILE B 219 -5.99 36.84 -13.59
C ILE B 219 -6.80 35.68 -13.05
N GLY B 220 -8.07 35.60 -13.44
CA GLY B 220 -8.96 34.57 -12.92
C GLY B 220 -10.26 34.37 -13.68
N TYR B 221 -11.20 33.68 -13.06
CA TYR B 221 -12.48 33.36 -13.69
C TYR B 221 -13.38 34.57 -13.75
N SER B 222 -14.07 34.72 -14.87
CA SER B 222 -14.95 35.86 -15.10
C SER B 222 -16.04 35.95 -14.04
N GLY B 223 -16.72 34.83 -13.80
CA GLY B 223 -17.76 34.78 -12.78
C GLY B 223 -17.28 35.42 -11.50
N ASP B 224 -16.07 35.03 -11.07
CA ASP B 224 -15.47 35.54 -9.85
C ASP B 224 -15.20 37.02 -9.87
N ILE B 225 -14.64 37.52 -10.96
CA ILE B 225 -14.26 38.91 -10.97
C ILE B 225 -15.49 39.78 -10.91
N TYR B 226 -16.58 39.26 -11.47
CA TYR B 226 -17.86 39.95 -11.36
C TYR B 226 -18.38 39.95 -9.95
N GLN B 227 -18.36 38.81 -9.29
CA GLN B 227 -18.68 38.84 -7.88
C GLN B 227 -17.87 39.93 -7.19
N ALA B 228 -16.55 39.91 -7.39
CA ALA B 228 -15.67 40.89 -6.77
C ALA B 228 -16.06 42.33 -7.09
N LYS B 229 -16.44 42.57 -8.35
CA LYS B 229 -16.78 43.90 -8.81
C LYS B 229 -18.00 44.46 -8.10
N SER B 230 -19.05 43.65 -7.98
CA SER B 230 -20.28 44.12 -7.37
C SER B 230 -20.09 44.29 -5.87
N ARG B 231 -19.59 43.25 -5.22
CA ARG B 231 -19.15 43.36 -3.83
C ARG B 231 -18.53 44.72 -3.58
N ALA B 232 -17.77 45.20 -4.55
CA ALA B 232 -17.07 46.47 -4.44
C ALA B 232 -18.03 47.66 -4.51
N GLU B 233 -18.83 47.70 -5.56
CA GLU B 233 -19.86 48.74 -5.69
C GLU B 233 -20.74 48.76 -4.44
N GLU B 234 -20.72 47.65 -3.72
CA GLU B 234 -21.52 47.45 -2.52
C GLU B 234 -20.91 48.14 -1.29
N ALA B 235 -19.75 47.64 -0.87
CA ALA B 235 -19.07 48.21 0.28
C ALA B 235 -18.70 49.67 0.05
N LYS B 236 -19.20 50.24 -1.04
CA LYS B 236 -19.03 51.67 -1.33
C LYS B 236 -17.69 52.19 -0.82
N ASN B 237 -16.59 51.54 -1.19
CA ASN B 237 -15.29 51.94 -0.66
C ASN B 237 -14.37 52.58 -1.69
N LYS B 238 -14.92 53.41 -2.57
CA LYS B 238 -14.13 54.11 -3.57
C LYS B 238 -13.26 53.14 -4.38
N VAL B 239 -13.72 51.89 -4.47
CA VAL B 239 -13.00 50.88 -5.22
C VAL B 239 -13.81 50.40 -6.42
N THR B 240 -13.33 50.66 -7.63
CA THR B 240 -13.99 50.19 -8.85
C THR B 240 -13.27 48.97 -9.41
N VAL B 241 -14.03 47.96 -9.81
CA VAL B 241 -13.44 46.80 -10.46
C VAL B 241 -13.87 46.67 -11.92
N LYS B 242 -12.90 46.46 -12.80
CA LYS B 242 -13.15 46.23 -14.22
C LYS B 242 -12.77 44.80 -14.58
N TYR B 243 -13.29 44.30 -15.68
CA TYR B 243 -12.89 42.97 -16.18
C TYR B 243 -12.71 43.01 -17.68
N ASN B 244 -11.61 42.45 -18.18
CA ASN B 244 -11.26 42.54 -19.60
C ASN B 244 -10.88 41.23 -20.28
N ILE B 245 -11.41 41.00 -21.49
CA ILE B 245 -11.01 39.86 -22.27
C ILE B 245 -10.02 40.28 -23.34
N PRO B 246 -8.73 39.98 -23.11
CA PRO B 246 -7.63 40.53 -23.92
C PRO B 246 -7.81 40.30 -25.40
N LYS B 247 -7.43 41.28 -26.21
CA LYS B 247 -7.55 41.20 -27.65
C LYS B 247 -7.03 39.86 -28.20
N GLU B 248 -5.94 39.36 -27.65
CA GLU B 248 -5.38 38.11 -28.14
C GLU B 248 -6.34 36.96 -27.94
N GLY B 249 -7.42 37.19 -27.20
CA GLY B 249 -8.33 36.10 -26.84
C GLY B 249 -7.93 35.45 -25.54
N ALA B 250 -8.58 34.35 -25.18
CA ALA B 250 -8.39 33.74 -23.86
C ALA B 250 -9.10 32.40 -23.68
N GLY B 251 -8.82 31.74 -22.56
CA GLY B 251 -9.47 30.47 -22.23
C GLY B 251 -10.92 30.71 -21.87
N SER B 252 -11.76 29.69 -22.03
CA SER B 252 -13.17 29.83 -21.69
C SER B 252 -13.82 28.51 -21.31
N PHE B 253 -14.94 28.59 -20.61
CA PHE B 253 -15.62 27.42 -20.11
C PHE B 253 -17.12 27.62 -20.25
N PHE B 254 -17.84 26.53 -20.43
CA PHE B 254 -19.26 26.58 -20.71
C PHE B 254 -20.00 25.54 -19.91
N ASP B 255 -21.13 25.92 -19.34
CA ASP B 255 -22.02 24.95 -18.75
C ASP B 255 -22.95 24.45 -19.86
N MET B 256 -23.00 23.14 -20.03
CA MET B 256 -23.67 22.57 -21.18
C MET B 256 -24.93 21.84 -20.76
N VAL B 257 -26.02 22.05 -21.48
CA VAL B 257 -27.24 21.33 -21.22
C VAL B 257 -27.23 20.06 -22.04
N ALA B 258 -27.21 18.92 -21.38
CA ALA B 258 -27.21 17.65 -22.09
C ALA B 258 -28.37 16.77 -21.67
N ILE B 259 -28.53 15.65 -22.36
CA ILE B 259 -29.58 14.69 -22.05
C ILE B 259 -28.96 13.33 -21.76
N PRO B 260 -29.13 12.83 -20.54
CA PRO B 260 -28.53 11.58 -20.13
C PRO B 260 -29.04 10.44 -20.99
N LYS B 261 -28.13 9.56 -21.39
CA LYS B 261 -28.49 8.44 -22.27
C LYS B 261 -29.68 7.67 -21.71
N ASP B 262 -29.67 7.43 -20.41
CA ASP B 262 -30.74 6.67 -19.75
C ASP B 262 -31.92 7.55 -19.38
N ALA B 263 -32.23 8.52 -20.23
CA ALA B 263 -33.30 9.46 -19.94
C ALA B 263 -34.63 8.75 -19.91
N GLU B 264 -35.51 9.17 -19.00
CA GLU B 264 -36.86 8.66 -18.94
C GLU B 264 -37.64 9.27 -20.10
N ASN B 265 -37.78 10.59 -20.07
CA ASN B 265 -38.63 11.33 -21.01
C ASN B 265 -37.83 12.08 -22.09
N THR B 266 -37.17 11.33 -22.96
CA THR B 266 -36.37 11.95 -24.02
C THR B 266 -37.16 13.04 -24.72
N GLU B 267 -38.27 12.64 -25.30
CA GLU B 267 -39.08 13.52 -26.15
C GLU B 267 -39.59 14.73 -25.38
N GLY B 268 -39.47 14.70 -24.06
CA GLY B 268 -39.73 15.89 -23.24
C GLY B 268 -38.45 16.70 -23.14
N ALA B 269 -37.33 16.01 -22.91
CA ALA B 269 -36.04 16.65 -22.77
C ALA B 269 -35.73 17.59 -23.93
N LEU B 270 -35.77 17.05 -25.14
CA LEU B 270 -35.49 17.83 -26.33
C LEU B 270 -36.41 19.03 -26.38
N ALA B 271 -37.69 18.81 -26.10
CA ALA B 271 -38.65 19.90 -26.03
C ALA B 271 -38.15 20.99 -25.06
N PHE B 272 -37.50 20.56 -23.99
CA PHE B 272 -37.01 21.51 -23.01
C PHE B 272 -35.79 22.23 -23.55
N VAL B 273 -34.90 21.48 -24.16
CA VAL B 273 -33.70 22.06 -24.74
C VAL B 273 -34.09 23.12 -25.78
N ASN B 274 -35.03 22.79 -26.65
CA ASN B 274 -35.39 23.73 -27.69
C ASN B 274 -35.97 25.00 -27.07
N PHE B 275 -36.70 24.80 -25.99
CA PHE B 275 -37.35 25.91 -25.30
C PHE B 275 -36.31 26.88 -24.75
N LEU B 276 -35.16 26.35 -24.36
CA LEU B 276 -34.11 27.17 -23.77
C LEU B 276 -33.34 27.94 -24.84
N MET B 277 -33.68 27.69 -26.10
CA MET B 277 -33.09 28.49 -27.17
C MET B 277 -34.03 29.57 -27.70
N LYS B 278 -35.25 29.63 -27.16
CA LYS B 278 -36.12 30.77 -27.43
C LYS B 278 -35.40 32.03 -26.95
N PRO B 279 -35.10 32.96 -27.87
CA PRO B 279 -34.27 34.11 -27.53
C PRO B 279 -34.76 34.80 -26.25
N GLU B 280 -36.04 35.11 -26.20
CA GLU B 280 -36.58 35.84 -25.06
C GLU B 280 -36.26 35.14 -23.73
N ILE B 281 -36.22 33.81 -23.76
CA ILE B 281 -36.02 33.03 -22.54
C ILE B 281 -34.60 33.11 -22.00
N MET B 282 -33.64 32.82 -22.87
CA MET B 282 -32.23 32.78 -22.48
C MET B 282 -31.80 34.17 -22.03
N ALA B 283 -32.18 35.17 -22.81
CA ALA B 283 -31.83 36.54 -22.48
C ALA B 283 -32.32 36.86 -21.08
N GLU B 284 -33.50 36.32 -20.76
CA GLU B 284 -34.14 36.56 -19.48
C GLU B 284 -33.34 35.88 -18.35
N ILE B 285 -32.91 34.64 -18.59
CA ILE B 285 -32.08 33.98 -17.61
C ILE B 285 -30.80 34.76 -17.41
N THR B 286 -30.24 35.31 -18.49
CA THR B 286 -29.01 36.09 -18.36
C THR B 286 -29.23 37.33 -17.50
N ASP B 287 -30.35 38.02 -17.70
CA ASP B 287 -30.65 39.16 -16.86
C ASP B 287 -30.56 38.79 -15.38
N VAL B 288 -30.92 37.55 -15.06
CA VAL B 288 -30.91 37.14 -13.67
C VAL B 288 -29.52 36.79 -13.17
N VAL B 289 -28.95 35.68 -13.64
CA VAL B 289 -27.66 35.22 -13.13
C VAL B 289 -26.50 36.09 -13.64
N GLN B 290 -26.71 36.73 -14.78
CA GLN B 290 -25.80 37.75 -15.27
C GLN B 290 -24.51 37.21 -15.86
N PHE B 291 -24.58 36.03 -16.46
CA PHE B 291 -23.45 35.47 -17.22
C PHE B 291 -23.85 35.40 -18.69
N PRO B 292 -22.89 35.56 -19.60
CA PRO B 292 -23.26 35.50 -21.01
C PRO B 292 -23.77 34.12 -21.35
N ASN B 293 -24.54 34.00 -22.41
CA ASN B 293 -25.12 32.72 -22.78
C ASN B 293 -24.77 32.44 -24.22
N GLY B 294 -25.00 31.20 -24.67
CA GLY B 294 -24.55 30.78 -25.99
C GLY B 294 -25.61 30.92 -27.07
N ASN B 295 -26.45 31.94 -26.94
CA ASN B 295 -27.54 32.15 -27.86
C ASN B 295 -27.39 33.50 -28.57
N ALA B 296 -26.79 33.47 -29.75
CA ALA B 296 -26.48 34.69 -30.50
C ALA B 296 -27.70 35.60 -30.62
N ALA B 297 -28.83 34.99 -30.99
CA ALA B 297 -30.06 35.73 -31.25
C ALA B 297 -30.59 36.37 -29.99
N ALA B 298 -30.27 35.78 -28.85
CA ALA B 298 -30.78 36.27 -27.56
C ALA B 298 -30.16 37.61 -27.13
N THR B 299 -28.97 37.91 -27.65
CA THR B 299 -28.20 39.07 -27.21
C THR B 299 -28.96 40.40 -27.18
N PRO B 300 -29.59 40.76 -28.30
CA PRO B 300 -30.31 42.03 -28.30
C PRO B 300 -31.41 42.10 -27.24
N LEU B 301 -31.85 40.95 -26.74
CA LEU B 301 -32.89 40.92 -25.72
C LEU B 301 -32.32 41.04 -24.31
N VAL B 302 -31.01 40.91 -24.21
CA VAL B 302 -30.33 41.04 -22.93
C VAL B 302 -30.30 42.49 -22.45
N SER B 303 -30.51 42.67 -21.17
CA SER B 303 -30.46 43.98 -20.54
C SER B 303 -29.31 44.86 -21.02
N GLU B 304 -29.65 45.96 -21.66
CA GLU B 304 -28.68 46.97 -22.10
C GLU B 304 -27.38 47.01 -21.26
N ALA B 305 -27.52 47.00 -19.95
CA ALA B 305 -26.35 47.14 -19.09
C ALA B 305 -25.42 45.92 -19.22
N ILE B 306 -26.02 44.73 -19.35
CA ILE B 306 -25.23 43.52 -19.55
C ILE B 306 -24.70 43.38 -20.98
N ARG B 307 -25.57 43.61 -21.96
CA ARG B 307 -25.22 43.45 -23.38
C ARG B 307 -24.04 44.32 -23.81
N ASN B 308 -24.00 45.55 -23.30
CA ASN B 308 -23.01 46.51 -23.73
C ASN B 308 -21.70 46.37 -22.98
N ASP B 309 -21.61 45.38 -22.09
CA ASP B 309 -20.44 45.19 -21.24
C ASP B 309 -19.39 44.29 -21.89
N PRO B 310 -18.42 44.90 -22.59
CA PRO B 310 -17.48 44.07 -23.34
C PRO B 310 -16.74 43.10 -22.44
N GLY B 311 -17.00 43.16 -21.14
CA GLY B 311 -16.38 42.22 -20.22
C GLY B 311 -17.28 41.00 -20.11
N ILE B 312 -18.44 41.11 -20.74
CA ILE B 312 -19.39 40.02 -20.73
C ILE B 312 -19.67 39.61 -22.16
N TYR B 313 -19.87 40.62 -23.00
CA TYR B 313 -20.18 40.38 -24.40
C TYR B 313 -19.11 41.00 -25.28
N PRO B 314 -17.94 40.36 -25.28
CA PRO B 314 -16.67 40.36 -25.96
C PRO B 314 -16.80 40.72 -27.44
N SER B 315 -15.74 41.29 -27.99
CA SER B 315 -15.78 41.91 -29.31
C SER B 315 -16.06 40.95 -30.44
N GLU B 316 -16.36 39.71 -30.11
CA GLU B 316 -16.86 38.83 -31.15
C GLU B 316 -15.86 38.68 -32.28
N GLU B 317 -14.76 39.43 -32.20
CA GLU B 317 -13.59 39.17 -32.99
C GLU B 317 -12.75 38.46 -31.96
N VAL B 318 -13.12 38.74 -30.71
CA VAL B 318 -12.58 38.07 -29.56
C VAL B 318 -13.28 36.72 -29.41
N MET B 319 -14.56 36.69 -29.74
CA MET B 319 -15.29 35.42 -29.77
C MET B 319 -14.50 34.38 -30.54
N LYS B 320 -13.99 34.80 -31.70
CA LYS B 320 -13.32 33.88 -32.60
C LYS B 320 -12.00 33.40 -32.01
N LYS B 321 -11.42 34.20 -31.13
CA LYS B 321 -10.12 33.86 -30.56
C LYS B 321 -10.26 33.23 -29.17
N LEU B 322 -11.37 32.53 -28.96
CA LEU B 322 -11.60 31.84 -27.69
C LEU B 322 -11.17 30.40 -27.79
N TYR B 323 -10.58 29.89 -26.72
CA TYR B 323 -10.21 28.48 -26.66
C TYR B 323 -10.75 27.81 -25.40
N THR B 324 -11.17 26.56 -25.53
CA THR B 324 -11.57 25.78 -24.37
C THR B 324 -10.36 25.02 -23.89
N PHE B 325 -10.55 24.18 -22.88
CA PHE B 325 -9.46 23.40 -22.31
C PHE B 325 -9.64 21.93 -22.64
N PRO B 326 -8.57 21.27 -23.09
CA PRO B 326 -8.78 19.92 -23.55
C PRO B 326 -8.66 18.90 -22.42
N ASP B 327 -8.98 17.66 -22.75
CA ASP B 327 -8.82 16.50 -21.85
C ASP B 327 -7.38 16.01 -21.87
N LEU B 328 -6.51 16.65 -21.09
CA LEU B 328 -5.08 16.37 -21.16
C LEU B 328 -4.72 14.91 -20.90
N PRO B 329 -3.72 14.40 -21.61
CA PRO B 329 -3.18 13.09 -21.28
C PRO B 329 -2.32 13.20 -20.03
N ALA B 330 -2.24 12.13 -19.25
CA ALA B 330 -1.44 12.11 -18.03
C ALA B 330 -0.12 12.86 -18.24
N LYS B 331 0.68 12.40 -19.20
CA LYS B 331 2.02 12.93 -19.39
C LYS B 331 2.04 14.47 -19.44
N THR B 332 1.18 15.04 -20.29
CA THR B 332 1.07 16.50 -20.39
C THR B 332 0.69 17.08 -19.03
N GLN B 333 -0.53 16.77 -18.63
CA GLN B 333 -1.04 17.11 -17.31
C GLN B 333 0.09 17.25 -16.28
N ARG B 334 0.87 16.19 -16.12
CA ARG B 334 1.83 16.11 -15.03
C ARG B 334 3.13 16.82 -15.40
N ALA B 335 3.29 17.06 -16.70
CA ALA B 335 4.37 17.86 -17.19
C ALA B 335 4.14 19.27 -16.66
N MET B 336 2.90 19.72 -16.81
CA MET B 336 2.52 21.04 -16.38
C MET B 336 2.62 21.15 -14.87
N THR B 337 2.03 20.18 -14.19
CA THR B 337 2.01 20.20 -12.74
C THR B 337 3.43 20.39 -12.19
N ARG B 338 4.38 19.63 -12.73
CA ARG B 338 5.73 19.75 -12.21
C ARG B 338 6.26 21.12 -12.57
N SER B 339 5.92 21.57 -13.76
CA SER B 339 6.29 22.91 -14.23
C SER B 339 5.75 23.98 -13.28
N TRP B 340 4.45 23.90 -13.02
CA TRP B 340 3.78 24.82 -12.13
C TRP B 340 4.52 24.90 -10.80
N THR B 341 4.87 23.75 -10.25
CA THR B 341 5.51 23.71 -8.95
C THR B 341 6.78 24.56 -8.93
N LYS B 342 7.65 24.31 -9.88
CA LYS B 342 8.90 25.05 -9.95
C LYS B 342 8.60 26.55 -10.01
N ILE B 343 7.58 26.92 -10.77
CA ILE B 343 7.23 28.33 -10.90
C ILE B 343 6.94 28.98 -9.55
N LYS B 344 5.99 28.43 -8.80
CA LYS B 344 5.65 29.02 -7.50
C LYS B 344 6.90 29.35 -6.68
N SER B 345 7.74 28.34 -6.44
CA SER B 345 9.05 28.60 -5.85
C SER B 345 9.98 29.19 -6.91
N ASP C 6 23.78 -61.91 21.01
CA ASP C 6 22.33 -61.81 20.64
C ASP C 6 22.00 -60.63 19.72
N ASN C 7 22.06 -60.90 18.42
CA ASN C 7 21.66 -59.95 17.42
C ASN C 7 20.14 -59.92 17.35
N LYS C 8 19.50 -60.80 18.12
CA LYS C 8 18.03 -60.99 18.11
C LYS C 8 17.30 -60.43 19.34
N VAL C 9 17.93 -59.49 20.03
CA VAL C 9 17.29 -58.74 21.11
C VAL C 9 17.29 -57.26 20.77
N LEU C 10 16.11 -56.74 20.47
CA LEU C 10 15.97 -55.36 20.01
C LEU C 10 15.22 -54.54 21.05
N HIS C 11 15.90 -53.55 21.63
CA HIS C 11 15.26 -52.65 22.59
C HIS C 11 14.65 -51.43 21.91
N VAL C 12 13.31 -51.39 21.83
CA VAL C 12 12.60 -50.26 21.22
C VAL C 12 11.80 -49.44 22.21
N TYR C 13 11.82 -48.13 22.03
CA TYR C 13 11.18 -47.23 22.97
C TYR C 13 10.29 -46.24 22.20
N ASN C 14 9.00 -46.23 22.52
CA ASN C 14 8.04 -45.56 21.67
C ASN C 14 6.83 -45.06 22.45
N TRP C 15 5.94 -44.33 21.77
CA TRP C 15 4.73 -43.82 22.40
C TRP C 15 3.78 -44.97 22.73
N SER C 16 2.90 -44.75 23.69
CA SER C 16 1.94 -45.78 24.07
C SER C 16 0.87 -45.88 23.00
N ASP C 17 0.27 -47.05 22.86
CA ASP C 17 -0.78 -47.25 21.85
C ASP C 17 -0.36 -46.58 20.55
N TYR C 18 0.79 -46.95 20.02
CA TYR C 18 1.30 -46.23 18.86
C TYR C 18 1.90 -47.19 17.86
N ILE C 19 1.25 -48.33 17.69
CA ILE C 19 1.75 -49.39 16.85
C ILE C 19 0.63 -50.42 16.64
N ALA C 20 0.80 -51.32 15.68
CA ALA C 20 -0.17 -52.39 15.46
C ALA C 20 -0.10 -53.37 16.62
N PRO C 21 -1.24 -53.97 16.97
CA PRO C 21 -1.20 -54.85 18.12
C PRO C 21 -0.15 -55.94 17.88
N ASP C 22 0.09 -56.25 16.61
CA ASP C 22 0.97 -57.36 16.29
C ASP C 22 1.96 -57.04 15.18
N THR C 23 2.46 -55.81 15.15
CA THR C 23 3.52 -55.48 14.19
C THR C 23 4.87 -56.11 14.56
N LEU C 24 5.27 -56.00 15.84
CA LEU C 24 6.56 -56.57 16.26
C LEU C 24 6.59 -58.10 16.07
N GLU C 25 5.44 -58.74 16.24
CA GLU C 25 5.36 -60.16 15.93
C GLU C 25 5.85 -60.33 14.49
N LYS C 26 4.96 -60.09 13.54
CA LYS C 26 5.30 -60.18 12.12
C LYS C 26 6.79 -59.95 11.89
N PHE C 27 7.32 -58.90 12.53
CA PHE C 27 8.74 -58.58 12.48
C PHE C 27 9.53 -59.83 12.85
N THR C 28 9.64 -60.07 14.16
CA THR C 28 10.29 -61.28 14.66
C THR C 28 10.07 -62.48 13.74
N LYS C 29 8.79 -62.82 13.52
CA LYS C 29 8.44 -63.95 12.67
C LYS C 29 8.99 -63.87 11.23
N GLU C 30 9.76 -62.83 10.92
CA GLU C 30 10.38 -62.71 9.60
C GLU C 30 11.87 -62.39 9.71
N THR C 31 12.33 -62.15 10.94
CA THR C 31 13.75 -61.85 11.17
C THR C 31 14.31 -62.67 12.32
N GLY C 32 13.41 -63.19 13.17
CA GLY C 32 13.84 -63.87 14.38
C GLY C 32 14.46 -62.90 15.38
N ILE C 33 14.09 -61.62 15.26
CA ILE C 33 14.56 -60.62 16.19
C ILE C 33 13.48 -60.30 17.22
N LYS C 34 13.74 -60.65 18.47
CA LYS C 34 12.77 -60.43 19.51
C LYS C 34 12.85 -58.99 19.99
N VAL C 35 11.70 -58.39 20.19
CA VAL C 35 11.65 -56.98 20.57
C VAL C 35 11.27 -56.82 22.03
N VAL C 36 12.11 -56.13 22.79
CA VAL C 36 11.76 -55.67 24.11
C VAL C 36 11.19 -54.29 23.92
N TYR C 37 9.89 -54.16 24.14
CA TYR C 37 9.19 -52.94 23.75
C TYR C 37 8.71 -52.16 24.98
N ASP C 38 9.33 -51.01 25.21
CA ASP C 38 8.86 -50.10 26.25
C ASP C 38 8.12 -48.91 25.65
N VAL C 39 7.37 -48.19 26.47
CA VAL C 39 6.65 -47.02 25.98
C VAL C 39 6.78 -45.84 26.92
N TYR C 40 7.01 -44.66 26.37
CA TYR C 40 7.00 -43.43 27.15
C TYR C 40 5.78 -42.63 26.78
N ASP C 41 5.47 -41.61 27.59
CA ASP C 41 4.28 -40.82 27.36
C ASP C 41 4.64 -39.42 26.91
N SER C 42 5.91 -39.07 26.98
CA SER C 42 6.34 -37.72 26.64
C SER C 42 7.71 -37.66 25.97
N ASN C 43 7.95 -36.56 25.27
CA ASN C 43 9.22 -36.34 24.59
C ASN C 43 10.37 -36.14 25.56
N GLU C 44 10.11 -35.42 26.65
CA GLU C 44 11.16 -35.02 27.56
C GLU C 44 11.79 -36.21 28.32
N VAL C 45 10.95 -37.16 28.74
CA VAL C 45 11.42 -38.38 29.39
C VAL C 45 12.37 -39.13 28.47
N LEU C 46 12.00 -39.21 27.19
CA LEU C 46 12.82 -39.86 26.18
C LEU C 46 14.12 -39.10 26.00
N GLU C 47 14.02 -37.77 26.04
CA GLU C 47 15.22 -36.94 25.95
C GLU C 47 16.10 -37.05 27.19
N ALA C 48 15.48 -37.29 28.34
CA ALA C 48 16.24 -37.43 29.58
C ALA C 48 17.12 -38.68 29.55
N LYS C 49 16.52 -39.79 29.15
CA LYS C 49 17.19 -41.08 29.13
C LYS C 49 18.28 -41.11 28.05
N LEU C 50 17.98 -40.51 26.90
CA LEU C 50 18.93 -40.52 25.80
C LEU C 50 20.17 -39.65 26.06
N LEU C 51 19.98 -38.54 26.78
CA LEU C 51 21.09 -37.64 27.07
C LEU C 51 21.96 -38.13 28.22
N ALA C 52 21.38 -38.95 29.10
CA ALA C 52 22.10 -39.47 30.25
C ALA C 52 23.11 -40.56 29.86
N GLY C 53 23.55 -40.53 28.61
CA GLY C 53 24.67 -41.36 28.16
C GLY C 53 24.42 -42.85 28.05
N LYS C 54 23.33 -43.34 28.64
CA LYS C 54 22.97 -44.75 28.46
C LYS C 54 21.46 -44.96 28.47
N SER C 55 20.91 -45.09 27.26
CA SER C 55 19.51 -45.45 27.11
C SER C 55 19.40 -46.96 27.20
N GLY C 56 20.07 -47.65 26.28
CA GLY C 56 19.97 -49.09 26.20
C GLY C 56 18.91 -49.46 25.19
N TYR C 57 18.44 -48.45 24.46
CA TYR C 57 17.46 -48.65 23.41
C TYR C 57 18.13 -48.54 22.04
N ASP C 58 17.79 -49.46 21.16
CA ASP C 58 18.35 -49.49 19.81
C ASP C 58 17.60 -48.56 18.84
N VAL C 59 16.31 -48.37 19.10
CA VAL C 59 15.52 -47.46 18.29
C VAL C 59 14.42 -46.79 19.12
N VAL C 60 14.43 -45.47 19.09
CA VAL C 60 13.41 -44.67 19.75
C VAL C 60 12.73 -43.84 18.67
N VAL C 61 11.55 -43.33 18.99
CA VAL C 61 10.81 -42.55 18.01
C VAL C 61 10.39 -41.19 18.57
N PRO C 62 11.31 -40.21 18.50
CA PRO C 62 11.10 -38.88 19.03
C PRO C 62 10.34 -38.02 18.05
N SER C 63 9.68 -36.98 18.57
CA SER C 63 9.05 -35.98 17.75
C SER C 63 10.09 -35.14 17.03
N ASN C 64 9.83 -34.86 15.77
CA ASN C 64 10.80 -34.19 14.94
C ASN C 64 11.35 -32.92 15.58
N SER C 65 10.50 -32.16 16.27
CA SER C 65 10.98 -30.93 16.88
C SER C 65 12.00 -31.18 17.99
N PHE C 66 12.00 -32.40 18.53
CA PHE C 66 13.05 -32.81 19.47
C PHE C 66 14.22 -33.48 18.74
N LEU C 67 13.90 -34.31 17.75
CA LEU C 67 14.93 -34.87 16.88
C LEU C 67 15.91 -33.78 16.47
N ALA C 68 15.41 -32.55 16.43
CA ALA C 68 16.23 -31.36 16.12
C ALA C 68 17.41 -31.22 17.08
N LYS C 69 17.15 -30.75 18.30
CA LYS C 69 18.20 -30.62 19.33
C LYS C 69 19.02 -31.90 19.38
N GLN C 70 18.32 -32.99 19.59
CA GLN C 70 18.94 -34.29 19.71
C GLN C 70 19.91 -34.52 18.55
N ILE C 71 19.58 -34.04 17.35
CA ILE C 71 20.52 -34.17 16.23
C ILE C 71 21.75 -33.31 16.52
N LYS C 72 21.48 -32.09 16.94
CA LYS C 72 22.52 -31.10 17.19
C LYS C 72 23.47 -31.55 18.29
N ALA C 73 22.97 -32.36 19.23
CA ALA C 73 23.79 -32.82 20.35
C ALA C 73 24.47 -34.16 20.07
N GLY C 74 24.55 -34.52 18.78
CA GLY C 74 25.16 -35.77 18.38
C GLY C 74 24.63 -36.95 19.19
N VAL C 75 23.31 -37.09 19.20
CA VAL C 75 22.68 -38.19 19.93
C VAL C 75 22.36 -39.38 19.06
N TYR C 76 22.19 -39.17 17.76
CA TYR C 76 21.85 -40.26 16.85
C TYR C 76 22.92 -40.49 15.81
N GLN C 77 23.09 -41.74 15.45
CA GLN C 77 24.00 -42.09 14.38
C GLN C 77 23.24 -42.00 13.07
N LYS C 78 23.93 -41.59 12.00
CA LYS C 78 23.30 -41.47 10.70
C LYS C 78 22.82 -42.84 10.25
N LEU C 79 21.76 -42.87 9.45
CA LEU C 79 21.27 -44.14 8.94
C LEU C 79 22.19 -44.63 7.84
N ASP C 80 22.41 -45.94 7.82
CA ASP C 80 23.12 -46.59 6.74
C ASP C 80 22.11 -46.91 5.65
N LYS C 81 21.62 -45.87 4.99
CA LYS C 81 20.59 -46.03 3.97
C LYS C 81 20.89 -47.22 3.06
N SER C 82 22.18 -47.46 2.82
CA SER C 82 22.60 -48.55 1.94
C SER C 82 21.95 -49.88 2.31
N LYS C 83 21.39 -49.95 3.51
CA LYS C 83 20.76 -51.17 3.99
C LYS C 83 19.30 -50.92 4.36
N LEU C 84 18.65 -50.12 3.53
CA LEU C 84 17.25 -49.74 3.71
C LEU C 84 16.62 -49.67 2.34
N PRO C 85 16.27 -50.82 1.78
CA PRO C 85 15.60 -50.98 0.49
C PRO C 85 14.26 -50.26 0.48
N ASN C 86 13.63 -50.15 1.64
CA ASN C 86 12.28 -49.62 1.75
C ASN C 86 12.17 -48.10 1.76
N TRP C 87 13.28 -47.42 2.03
CA TRP C 87 13.35 -45.97 1.97
C TRP C 87 12.66 -45.41 0.72
N LYS C 88 12.58 -46.23 -0.34
CA LYS C 88 11.95 -45.83 -1.59
C LYS C 88 10.48 -45.42 -1.44
N ASN C 89 9.85 -45.93 -0.39
CA ASN C 89 8.41 -45.81 -0.21
C ASN C 89 7.98 -44.54 0.50
N LEU C 90 8.96 -43.82 1.07
CA LEU C 90 8.68 -42.61 1.83
C LEU C 90 8.13 -41.49 0.96
N ASN C 91 7.20 -40.73 1.51
CA ASN C 91 6.63 -39.55 0.87
C ASN C 91 7.67 -38.43 0.69
N LYS C 92 8.17 -38.26 -0.54
CA LYS C 92 9.24 -37.28 -0.78
C LYS C 92 8.87 -35.86 -0.37
N ASP C 93 7.58 -35.55 -0.46
CA ASP C 93 7.11 -34.22 -0.06
C ASP C 93 7.38 -33.99 1.42
N LEU C 94 6.93 -34.93 2.24
CA LEU C 94 7.16 -34.90 3.67
C LEU C 94 8.66 -34.92 3.96
N MET C 95 9.36 -35.85 3.33
CA MET C 95 10.80 -35.98 3.53
C MET C 95 11.45 -34.62 3.36
N HIS C 96 11.06 -33.93 2.30
CA HIS C 96 11.57 -32.58 2.01
C HIS C 96 11.29 -31.63 3.17
N THR C 97 10.03 -31.50 3.54
CA THR C 97 9.64 -30.55 4.57
C THR C 97 10.34 -30.84 5.88
N LEU C 98 10.86 -32.06 6.01
CA LEU C 98 11.47 -32.52 7.25
C LEU C 98 12.95 -32.14 7.40
N GLU C 99 13.53 -31.55 6.37
CA GLU C 99 14.97 -31.32 6.31
C GLU C 99 15.44 -30.21 7.24
N VAL C 100 14.54 -29.30 7.55
CA VAL C 100 14.85 -28.23 8.49
C VAL C 100 15.01 -28.79 9.89
N SER C 101 14.78 -30.10 10.05
CA SER C 101 14.91 -30.77 11.34
C SER C 101 16.02 -31.80 11.29
N ASP C 102 16.13 -32.45 10.14
CA ASP C 102 17.14 -33.48 9.92
C ASP C 102 17.78 -33.26 8.56
N PRO C 103 18.70 -32.27 8.48
CA PRO C 103 19.35 -31.94 7.21
C PRO C 103 19.75 -33.20 6.43
N GLY C 104 19.33 -33.27 5.18
CA GLY C 104 19.63 -34.41 4.32
C GLY C 104 19.01 -35.71 4.79
N ASN C 105 17.86 -35.62 5.47
CA ASN C 105 17.13 -36.81 5.92
C ASN C 105 18.09 -37.91 6.32
N GLU C 106 19.00 -37.59 7.23
CA GLU C 106 20.13 -38.47 7.55
C GLU C 106 19.91 -39.38 8.76
N HIS C 107 18.96 -39.01 9.62
CA HIS C 107 18.87 -39.65 10.92
C HIS C 107 17.62 -40.48 11.16
N ALA C 108 16.47 -39.98 10.72
CA ALA C 108 15.23 -40.67 11.03
C ALA C 108 14.26 -40.67 9.87
N ILE C 109 13.19 -41.44 10.01
CA ILE C 109 12.09 -41.36 9.06
C ILE C 109 10.77 -41.05 9.77
N PRO C 110 9.85 -40.39 9.06
CA PRO C 110 8.57 -40.05 9.63
C PRO C 110 7.79 -41.31 9.96
N TYR C 111 7.25 -41.38 11.17
CA TYR C 111 6.42 -42.50 11.56
C TYR C 111 4.97 -42.16 11.26
N MET C 112 4.38 -41.42 12.18
CA MET C 112 3.06 -40.85 11.99
C MET C 112 3.25 -39.40 12.33
N TRP C 113 2.29 -38.56 11.93
CA TRP C 113 2.47 -37.13 12.02
C TRP C 113 1.13 -36.42 12.04
N GLY C 114 1.15 -35.12 12.27
CA GLY C 114 -0.08 -34.33 12.25
C GLY C 114 0.09 -32.85 11.96
N THR C 115 -1.04 -32.15 11.96
CA THR C 115 -1.06 -30.73 11.68
C THR C 115 -1.96 -29.93 12.61
N ILE C 116 -1.72 -28.63 12.62
CA ILE C 116 -2.50 -27.67 13.40
C ILE C 116 -3.40 -26.87 12.46
N GLY C 117 -4.59 -27.40 12.18
CA GLY C 117 -5.50 -26.74 11.25
C GLY C 117 -6.78 -26.25 11.91
N ILE C 118 -7.90 -26.50 11.25
CA ILE C 118 -9.18 -25.98 11.69
C ILE C 118 -10.21 -27.08 11.91
N GLY C 119 -10.61 -27.24 13.17
CA GLY C 119 -11.78 -28.05 13.49
C GLY C 119 -12.99 -27.14 13.56
N TYR C 120 -14.09 -27.53 12.92
CA TYR C 120 -15.22 -26.62 12.87
C TYR C 120 -16.58 -27.29 12.68
N ASN C 121 -17.64 -26.53 12.90
CA ASN C 121 -19.00 -27.05 12.82
C ASN C 121 -19.73 -26.52 11.59
N PRO C 122 -19.83 -27.35 10.54
CA PRO C 122 -20.40 -26.89 9.27
C PRO C 122 -21.78 -26.27 9.41
N ASP C 123 -22.55 -26.71 10.41
CA ASP C 123 -23.91 -26.19 10.57
C ASP C 123 -23.94 -24.85 11.27
N LYS C 124 -23.40 -24.82 12.48
CA LYS C 124 -23.51 -23.63 13.31
C LYS C 124 -22.75 -22.45 12.71
N VAL C 125 -21.62 -22.74 12.06
CA VAL C 125 -20.85 -21.70 11.40
C VAL C 125 -21.64 -21.06 10.27
N LYS C 126 -22.32 -21.90 9.49
CA LYS C 126 -23.10 -21.44 8.33
C LYS C 126 -24.34 -20.66 8.77
N ALA C 127 -24.67 -20.78 10.05
CA ALA C 127 -25.73 -19.97 10.63
C ALA C 127 -25.13 -18.67 11.15
N ALA C 128 -24.03 -18.77 11.88
CA ALA C 128 -23.47 -17.63 12.58
C ALA C 128 -22.64 -16.68 11.70
N PHE C 129 -22.50 -17.03 10.44
CA PHE C 129 -21.67 -16.25 9.52
C PHE C 129 -22.44 -15.90 8.25
N GLY C 130 -23.41 -16.76 7.93
CA GLY C 130 -24.09 -16.67 6.65
C GLY C 130 -23.28 -17.49 5.69
N ASP C 131 -23.81 -17.74 4.50
CA ASP C 131 -23.11 -18.58 3.54
C ASP C 131 -21.73 -18.08 3.14
N ASN C 132 -20.91 -19.02 2.64
CA ASN C 132 -19.54 -18.72 2.20
C ASN C 132 -18.61 -18.34 3.35
N ALA C 133 -18.71 -19.07 4.46
CA ALA C 133 -17.76 -18.95 5.54
C ALA C 133 -16.46 -19.52 5.00
N PRO C 134 -15.40 -18.68 4.93
CA PRO C 134 -14.11 -19.06 4.38
C PRO C 134 -13.49 -20.18 5.22
N VAL C 135 -14.13 -21.34 5.19
CA VAL C 135 -13.82 -22.41 6.12
C VAL C 135 -12.46 -23.04 5.86
N ASP C 136 -11.95 -22.86 4.64
CA ASP C 136 -10.71 -23.49 4.23
C ASP C 136 -9.60 -22.47 4.22
N SER C 137 -9.77 -21.39 4.97
CA SER C 137 -8.77 -20.35 4.97
C SER C 137 -8.43 -19.84 6.37
N TRP C 138 -7.14 -19.60 6.59
CA TRP C 138 -6.72 -19.01 7.85
C TRP C 138 -7.40 -17.67 8.04
N ASP C 139 -8.08 -17.21 6.99
CA ASP C 139 -8.78 -15.94 7.07
C ASP C 139 -9.94 -16.10 8.01
N LEU C 140 -10.45 -17.33 8.08
CA LEU C 140 -11.65 -17.60 8.84
C LEU C 140 -11.54 -17.01 10.23
N VAL C 141 -10.34 -17.07 10.80
CA VAL C 141 -10.16 -16.69 12.18
C VAL C 141 -9.21 -15.51 12.35
N PHE C 142 -8.57 -15.09 11.27
CA PHE C 142 -7.58 -14.02 11.39
C PHE C 142 -8.01 -12.66 10.84
N LYS C 143 -9.18 -12.64 10.21
CA LYS C 143 -9.81 -11.37 9.89
C LYS C 143 -10.77 -11.03 11.01
N PRO C 144 -10.47 -9.97 11.78
CA PRO C 144 -11.46 -9.55 12.75
C PRO C 144 -12.92 -9.66 12.25
N GLU C 145 -13.27 -8.91 11.21
CA GLU C 145 -14.67 -8.90 10.74
C GLU C 145 -15.22 -10.29 10.37
N ASN C 146 -14.38 -11.31 10.43
CA ASN C 146 -14.81 -12.70 10.22
C ASN C 146 -14.93 -13.44 11.55
N ILE C 147 -13.83 -13.48 12.30
CA ILE C 147 -13.79 -14.16 13.58
C ILE C 147 -14.84 -13.57 14.51
N GLN C 148 -15.16 -12.30 14.29
CA GLN C 148 -16.17 -11.65 15.09
C GLN C 148 -17.53 -12.31 14.90
N LYS C 149 -17.90 -12.55 13.65
CA LYS C 149 -19.20 -13.15 13.37
C LYS C 149 -19.37 -14.53 13.99
N LEU C 150 -18.27 -15.11 14.47
CA LEU C 150 -18.32 -16.42 15.10
C LEU C 150 -18.26 -16.38 16.63
N LYS C 151 -17.81 -15.25 17.18
CA LYS C 151 -17.73 -15.10 18.64
C LYS C 151 -19.05 -15.58 19.23
N GLN C 152 -20.07 -15.58 18.39
CA GLN C 152 -21.26 -16.31 18.71
C GLN C 152 -20.84 -17.75 18.93
N CYS C 153 -21.42 -18.68 18.17
CA CYS C 153 -21.21 -20.14 18.34
C CYS C 153 -19.92 -20.64 19.04
N GLY C 154 -18.82 -19.87 19.02
CA GLY C 154 -17.65 -20.23 19.83
C GLY C 154 -16.40 -20.72 19.09
N VAL C 155 -15.27 -20.11 19.41
CA VAL C 155 -14.04 -20.40 18.68
C VAL C 155 -12.84 -20.45 19.58
N SER C 156 -12.15 -21.58 19.56
CA SER C 156 -11.07 -21.82 20.49
C SER C 156 -9.75 -22.01 19.77
N PHE C 157 -8.68 -21.59 20.44
CA PHE C 157 -7.33 -21.85 19.97
C PHE C 157 -6.60 -22.71 21.00
N LEU C 158 -5.65 -23.51 20.54
CA LEU C 158 -4.80 -24.25 21.46
C LEU C 158 -4.17 -23.29 22.45
N ASP C 159 -4.01 -23.76 23.69
CA ASP C 159 -3.25 -23.04 24.68
C ASP C 159 -1.78 -23.39 24.47
N SER C 160 -1.12 -22.68 23.55
CA SER C 160 0.22 -23.09 23.13
C SER C 160 0.93 -22.11 22.20
N PRO C 161 1.80 -21.26 22.77
CA PRO C 161 2.32 -20.15 22.00
C PRO C 161 3.25 -20.62 20.89
N THR C 162 4.17 -21.52 21.20
CA THR C 162 5.20 -21.89 20.21
C THR C 162 4.61 -22.55 18.97
N GLU C 163 3.40 -23.09 19.10
CA GLU C 163 2.67 -23.62 17.98
C GLU C 163 1.68 -22.59 17.44
N ILE C 164 0.96 -21.90 18.33
CA ILE C 164 -0.04 -20.96 17.85
C ILE C 164 0.52 -19.71 17.19
N LEU C 165 1.46 -19.04 17.84
CA LEU C 165 2.01 -17.80 17.29
C LEU C 165 2.33 -17.93 15.80
N PRO C 166 3.20 -18.89 15.44
CA PRO C 166 3.67 -18.95 14.06
C PRO C 166 2.56 -19.03 13.00
N ALA C 167 1.38 -19.50 13.39
CA ALA C 167 0.24 -19.49 12.47
C ALA C 167 -0.10 -18.05 12.11
N ALA C 168 -0.13 -17.19 13.13
CA ALA C 168 -0.34 -15.77 12.92
C ALA C 168 0.80 -15.14 12.10
N LEU C 169 2.03 -15.57 12.34
CA LEU C 169 3.16 -15.11 11.52
C LEU C 169 3.02 -15.52 10.06
N HIS C 170 2.66 -16.78 9.84
CA HIS C 170 2.49 -17.33 8.51
C HIS C 170 1.49 -16.45 7.78
N TYR C 171 0.45 -16.10 8.52
CA TYR C 171 -0.66 -15.33 8.02
C TYR C 171 -0.25 -13.92 7.63
N LEU C 172 0.69 -13.35 8.39
CA LEU C 172 1.13 -11.99 8.16
C LEU C 172 2.13 -11.89 7.01
N GLY C 173 2.53 -13.02 6.46
CA GLY C 173 3.54 -13.02 5.41
C GLY C 173 4.93 -13.30 5.97
N TYR C 174 5.08 -13.16 7.28
CA TYR C 174 6.37 -13.44 7.92
C TYR C 174 6.67 -14.94 7.99
N LYS C 175 7.94 -15.28 8.18
CA LYS C 175 8.38 -16.67 8.27
C LYS C 175 7.91 -17.33 9.56
N PRO C 176 7.49 -18.60 9.48
CA PRO C 176 6.97 -19.25 10.69
C PRO C 176 8.05 -19.52 11.74
N ASP C 177 9.30 -19.26 11.41
CA ASP C 177 10.40 -19.50 12.34
C ASP C 177 11.20 -18.23 12.60
N THR C 178 10.72 -17.11 12.08
CA THR C 178 11.44 -15.85 12.24
C THR C 178 11.87 -15.64 13.69
N ASP C 179 13.01 -14.99 13.87
CA ASP C 179 13.44 -14.59 15.19
C ASP C 179 13.30 -13.08 15.42
N ASN C 180 12.79 -12.36 14.41
CA ASN C 180 12.70 -10.90 14.46
C ASN C 180 11.65 -10.31 15.41
N PRO C 181 12.11 -9.46 16.34
CA PRO C 181 11.32 -8.75 17.32
C PRO C 181 10.11 -8.04 16.73
N LYS C 182 10.32 -7.29 15.65
CA LYS C 182 9.24 -6.50 15.06
C LYS C 182 8.19 -7.41 14.45
N GLU C 183 8.63 -8.53 13.91
CA GLU C 183 7.71 -9.52 13.36
C GLU C 183 6.91 -10.18 14.48
N LEU C 184 7.62 -10.73 15.46
CA LEU C 184 6.95 -11.30 16.61
C LEU C 184 5.95 -10.28 17.16
N LYS C 185 6.37 -9.02 17.21
CA LYS C 185 5.52 -7.96 17.72
C LYS C 185 4.24 -7.91 16.91
N ALA C 186 4.40 -7.75 15.60
CA ALA C 186 3.24 -7.75 14.71
C ALA C 186 2.37 -8.94 15.08
N ALA C 187 2.99 -10.11 15.19
CA ALA C 187 2.28 -11.33 15.52
C ALA C 187 1.55 -11.19 16.85
N GLU C 188 2.23 -10.59 17.83
CA GLU C 188 1.63 -10.36 19.13
C GLU C 188 0.41 -9.47 18.97
N GLU C 189 0.57 -8.39 18.22
CA GLU C 189 -0.46 -7.37 18.12
C GLU C 189 -1.66 -7.88 17.33
N LEU C 190 -1.43 -8.89 16.49
CA LEU C 190 -2.52 -9.49 15.74
C LEU C 190 -3.50 -10.23 16.67
N PHE C 191 -2.98 -11.08 17.54
CA PHE C 191 -3.87 -11.80 18.45
C PHE C 191 -4.63 -10.84 19.35
N LEU C 192 -4.00 -9.71 19.65
CA LEU C 192 -4.60 -8.69 20.50
C LEU C 192 -5.87 -8.13 19.89
N LYS C 193 -5.88 -7.96 18.56
CA LYS C 193 -7.07 -7.44 17.91
C LYS C 193 -8.21 -8.44 17.93
N ILE C 194 -7.89 -9.73 17.95
CA ILE C 194 -8.95 -10.77 17.89
C ILE C 194 -9.23 -11.44 19.23
N ARG C 195 -8.33 -11.27 20.19
CA ARG C 195 -8.53 -11.82 21.52
C ARG C 195 -9.99 -11.66 21.99
N PRO C 196 -10.56 -10.45 21.86
CA PRO C 196 -11.95 -10.24 22.29
C PRO C 196 -12.97 -11.12 21.57
N TYR C 197 -12.52 -11.90 20.59
CA TYR C 197 -13.45 -12.69 19.79
C TYR C 197 -13.26 -14.19 20.01
N VAL C 198 -12.29 -14.52 20.86
CA VAL C 198 -11.94 -15.91 21.18
C VAL C 198 -12.55 -16.35 22.50
N THR C 199 -13.34 -17.42 22.48
CA THR C 199 -13.98 -17.91 23.70
C THR C 199 -12.95 -18.29 24.78
N TYR C 200 -11.86 -18.95 24.40
CA TYR C 200 -10.81 -19.31 25.35
C TYR C 200 -9.59 -19.98 24.72
N PHE C 201 -8.56 -20.16 25.52
CA PHE C 201 -7.34 -20.81 25.05
C PHE C 201 -7.06 -22.06 25.88
N HIS C 202 -7.35 -23.22 25.29
CA HIS C 202 -7.24 -24.47 26.01
C HIS C 202 -6.82 -25.61 25.08
N SER C 203 -5.84 -26.39 25.52
CA SER C 203 -5.25 -27.43 24.68
C SER C 203 -6.08 -28.72 24.55
N SER C 204 -7.23 -28.80 25.23
CA SER C 204 -8.07 -30.02 25.12
C SER C 204 -9.58 -29.84 25.38
N LYS C 205 -9.99 -28.79 26.07
CA LYS C 205 -11.43 -28.60 26.33
C LYS C 205 -12.19 -28.66 25.03
N TYR C 206 -11.57 -28.09 24.00
CA TYR C 206 -12.22 -27.95 22.71
C TYR C 206 -12.68 -29.28 22.14
N ILE C 207 -11.89 -30.33 22.32
CA ILE C 207 -12.28 -31.65 21.83
C ILE C 207 -13.73 -31.96 22.18
N SER C 208 -14.08 -31.85 23.47
CA SER C 208 -15.44 -32.18 23.87
C SER C 208 -16.42 -31.08 23.50
N ASP C 209 -16.08 -29.83 23.80
CA ASP C 209 -16.91 -28.69 23.42
C ASP C 209 -17.29 -28.72 21.94
N LEU C 210 -16.32 -29.07 21.10
CA LEU C 210 -16.54 -29.12 19.66
C LEU C 210 -17.52 -30.25 19.34
N ALA C 211 -17.40 -31.34 20.08
CA ALA C 211 -18.25 -32.51 19.87
C ALA C 211 -19.63 -32.30 20.50
N ASN C 212 -19.64 -31.68 21.67
CA ASN C 212 -20.88 -31.40 22.40
C ASN C 212 -21.68 -30.27 21.76
N GLY C 213 -21.00 -29.45 20.95
CA GLY C 213 -21.65 -28.36 20.21
C GLY C 213 -21.50 -26.95 20.77
N ASN C 214 -20.74 -26.82 21.86
CA ASN C 214 -20.59 -25.54 22.58
C ASN C 214 -19.70 -24.51 21.89
N ILE C 215 -18.85 -24.97 20.99
CA ILE C 215 -18.08 -24.06 20.14
C ILE C 215 -18.15 -24.62 18.73
N CYS C 216 -18.03 -23.73 17.75
CA CYS C 216 -18.17 -24.10 16.35
C CYS C 216 -16.85 -24.12 15.60
N VAL C 217 -15.83 -23.41 16.09
CA VAL C 217 -14.52 -23.46 15.47
C VAL C 217 -13.41 -23.56 16.49
N ALA C 218 -12.53 -24.53 16.27
CA ALA C 218 -11.42 -24.78 17.16
C ALA C 218 -10.17 -25.00 16.34
N ILE C 219 -9.14 -24.21 16.63
CA ILE C 219 -7.85 -24.43 16.01
C ILE C 219 -7.07 -25.29 16.97
N GLY C 220 -6.69 -26.48 16.50
CA GLY C 220 -5.96 -27.43 17.34
C GLY C 220 -5.41 -28.59 16.54
N TYR C 221 -4.76 -29.53 17.24
CA TYR C 221 -4.14 -30.70 16.60
C TYR C 221 -5.13 -31.57 15.83
N SER C 222 -4.73 -31.96 14.62
CA SER C 222 -5.59 -32.74 13.73
C SER C 222 -6.22 -33.95 14.42
N GLY C 223 -5.39 -34.76 15.07
CA GLY C 223 -5.86 -35.94 15.77
C GLY C 223 -7.00 -35.64 16.71
N ASP C 224 -6.81 -34.63 17.57
CA ASP C 224 -7.80 -34.27 18.57
C ASP C 224 -9.14 -34.00 17.91
N ILE C 225 -9.11 -33.25 16.83
CA ILE C 225 -10.34 -32.86 16.17
C ILE C 225 -11.02 -34.07 15.58
N TYR C 226 -10.24 -35.09 15.25
CA TYR C 226 -10.82 -36.33 14.78
C TYR C 226 -11.42 -37.16 15.91
N GLN C 227 -10.77 -37.16 17.06
CA GLN C 227 -11.43 -37.77 18.20
C GLN C 227 -12.79 -37.10 18.34
N ALA C 228 -12.77 -35.79 18.53
CA ALA C 228 -14.01 -35.04 18.65
C ALA C 228 -14.99 -35.45 17.57
N LYS C 229 -14.52 -35.50 16.34
CA LYS C 229 -15.37 -35.92 15.24
C LYS C 229 -16.04 -37.24 15.56
N SER C 230 -15.26 -38.25 15.94
CA SER C 230 -15.80 -39.59 16.17
C SER C 230 -16.66 -39.64 17.42
N ARG C 231 -16.11 -39.18 18.54
CA ARG C 231 -16.89 -39.01 19.76
C ARG C 231 -18.29 -38.51 19.44
N ALA C 232 -18.37 -37.62 18.44
CA ALA C 232 -19.61 -36.91 18.11
C ALA C 232 -20.59 -37.70 17.25
N GLU C 233 -20.10 -38.33 16.17
CA GLU C 233 -20.94 -39.22 15.37
C GLU C 233 -21.30 -40.41 16.23
N GLU C 234 -20.45 -40.68 17.22
CA GLU C 234 -20.61 -41.75 18.18
C GLU C 234 -21.85 -41.55 19.06
N ALA C 235 -21.87 -40.43 19.78
CA ALA C 235 -23.04 -40.02 20.54
C ALA C 235 -24.23 -39.69 19.62
N LYS C 236 -24.09 -39.95 18.32
CA LYS C 236 -25.12 -39.61 17.31
C LYS C 236 -25.95 -38.35 17.66
N ASN C 237 -25.24 -37.27 18.00
CA ASN C 237 -25.84 -36.05 18.56
C ASN C 237 -26.42 -35.08 17.53
N LYS C 238 -26.54 -35.52 16.28
CA LYS C 238 -26.86 -34.61 15.17
C LYS C 238 -25.77 -33.53 15.03
N VAL C 239 -24.66 -33.71 15.74
CA VAL C 239 -23.56 -32.75 15.68
C VAL C 239 -22.45 -33.25 14.77
N THR C 240 -22.03 -32.40 13.84
CA THR C 240 -21.03 -32.76 12.86
C THR C 240 -19.70 -32.07 13.16
N VAL C 241 -18.59 -32.77 12.93
CA VAL C 241 -17.29 -32.15 13.06
C VAL C 241 -16.47 -32.35 11.79
N LYS C 242 -15.97 -31.26 11.23
CA LYS C 242 -15.16 -31.31 10.04
C LYS C 242 -13.84 -30.61 10.28
N TYR C 243 -12.79 -31.09 9.60
CA TYR C 243 -11.46 -30.57 9.81
C TYR C 243 -10.79 -30.16 8.51
N ASN C 244 -10.11 -29.02 8.54
CA ASN C 244 -9.52 -28.45 7.33
C ASN C 244 -8.13 -27.89 7.56
N ILE C 245 -7.21 -28.29 6.69
CA ILE C 245 -5.91 -27.68 6.64
C ILE C 245 -6.02 -26.49 5.70
N PRO C 246 -5.86 -25.27 6.24
CA PRO C 246 -6.07 -24.06 5.47
C PRO C 246 -5.28 -24.08 4.15
N LYS C 247 -5.96 -23.75 3.05
CA LYS C 247 -5.33 -23.71 1.74
C LYS C 247 -3.97 -23.02 1.72
N GLU C 248 -3.77 -22.06 2.62
CA GLU C 248 -2.48 -21.35 2.70
C GLU C 248 -1.38 -22.22 3.28
N GLY C 249 -1.74 -23.36 3.87
CA GLY C 249 -0.78 -24.22 4.55
C GLY C 249 -0.93 -24.10 6.06
N ALA C 250 -0.19 -24.93 6.81
CA ALA C 250 -0.29 -24.94 8.26
C ALA C 250 0.96 -25.50 8.92
N GLY C 251 1.03 -25.42 10.25
CA GLY C 251 2.12 -26.05 10.99
C GLY C 251 1.98 -27.56 11.02
N SER C 252 3.11 -28.26 11.07
CA SER C 252 3.10 -29.72 11.01
C SER C 252 4.16 -30.36 11.90
N PHE C 253 3.80 -31.47 12.53
CA PHE C 253 4.72 -32.20 13.41
C PHE C 253 4.76 -33.67 13.06
N PHE C 254 5.92 -34.28 13.26
CA PHE C 254 6.09 -35.67 12.91
C PHE C 254 6.85 -36.42 13.98
N ASP C 255 6.42 -37.63 14.28
CA ASP C 255 7.18 -38.50 15.14
C ASP C 255 8.16 -39.25 14.25
N MET C 256 9.43 -39.24 14.64
CA MET C 256 10.48 -39.78 13.80
C MET C 256 11.05 -41.05 14.41
N VAL C 257 11.43 -41.99 13.56
CA VAL C 257 12.05 -43.21 14.05
C VAL C 257 13.55 -43.09 13.87
N ALA C 258 14.26 -42.86 14.97
CA ALA C 258 15.70 -42.65 14.92
C ALA C 258 16.47 -43.78 15.57
N ILE C 259 17.76 -43.87 15.28
CA ILE C 259 18.63 -44.79 15.99
C ILE C 259 19.62 -44.00 16.84
N PRO C 260 19.60 -44.26 18.16
CA PRO C 260 20.48 -43.50 19.04
C PRO C 260 21.94 -43.88 18.82
N LYS C 261 22.85 -43.04 19.32
CA LYS C 261 24.27 -43.22 19.11
C LYS C 261 24.80 -44.45 19.85
N ASP C 262 24.61 -44.45 21.16
CA ASP C 262 25.08 -45.55 22.02
C ASP C 262 24.23 -46.81 21.92
N ALA C 263 23.71 -47.07 20.72
CA ALA C 263 22.86 -48.23 20.48
C ALA C 263 23.72 -49.48 20.27
N GLU C 264 23.48 -50.50 21.07
CA GLU C 264 24.26 -51.75 21.00
C GLU C 264 23.87 -52.62 19.79
N ASN C 265 22.59 -52.91 19.64
CA ASN C 265 22.13 -53.73 18.52
C ASN C 265 21.82 -52.90 17.28
N THR C 266 22.82 -52.17 16.78
CA THR C 266 22.61 -51.27 15.66
C THR C 266 22.02 -52.00 14.46
N GLU C 267 22.79 -52.90 13.85
CA GLU C 267 22.35 -53.51 12.62
C GLU C 267 20.96 -54.13 12.75
N GLY C 268 20.59 -54.51 13.97
CA GLY C 268 19.24 -55.03 14.21
C GLY C 268 18.22 -53.94 14.06
N ALA C 269 18.43 -52.84 14.77
CA ALA C 269 17.56 -51.67 14.67
C ALA C 269 17.22 -51.36 13.22
N LEU C 270 18.23 -51.30 12.37
CA LEU C 270 18.04 -51.01 10.95
C LEU C 270 17.05 -51.96 10.28
N ALA C 271 17.15 -53.25 10.59
CA ALA C 271 16.23 -54.23 10.03
C ALA C 271 14.81 -53.76 10.31
N PHE C 272 14.61 -53.32 11.54
CA PHE C 272 13.30 -52.95 12.06
C PHE C 272 12.77 -51.68 11.42
N VAL C 273 13.63 -50.67 11.28
CA VAL C 273 13.26 -49.44 10.58
C VAL C 273 12.77 -49.79 9.18
N ASN C 274 13.54 -50.61 8.47
CA ASN C 274 13.18 -51.01 7.13
C ASN C 274 11.87 -51.75 7.15
N PHE C 275 11.70 -52.56 8.18
CA PHE C 275 10.51 -53.35 8.33
C PHE C 275 9.32 -52.41 8.41
N LEU C 276 9.50 -51.31 9.14
CA LEU C 276 8.44 -50.34 9.36
C LEU C 276 8.01 -49.70 8.06
N MET C 277 8.87 -49.75 7.06
CA MET C 277 8.60 -49.09 5.77
C MET C 277 8.00 -50.03 4.73
N LYS C 278 7.67 -51.25 5.13
CA LYS C 278 6.91 -52.17 4.28
C LYS C 278 5.46 -51.68 4.16
N PRO C 279 5.09 -51.12 3.00
CA PRO C 279 3.82 -50.44 2.87
C PRO C 279 2.75 -50.99 3.80
N GLU C 280 2.41 -52.26 3.62
CA GLU C 280 1.30 -52.88 4.33
C GLU C 280 1.45 -52.81 5.86
N ILE C 281 2.67 -52.79 6.35
CA ILE C 281 2.87 -52.72 7.80
C ILE C 281 2.46 -51.36 8.33
N MET C 282 2.99 -50.30 7.73
CA MET C 282 2.63 -48.94 8.13
C MET C 282 1.14 -48.74 7.91
N ALA C 283 0.65 -49.15 6.74
CA ALA C 283 -0.77 -49.05 6.46
C ALA C 283 -1.52 -49.56 7.68
N GLU C 284 -1.20 -50.78 8.08
CA GLU C 284 -1.87 -51.44 9.19
C GLU C 284 -1.81 -50.57 10.44
N ILE C 285 -0.62 -50.08 10.76
CA ILE C 285 -0.46 -49.24 11.93
C ILE C 285 -1.42 -48.04 11.85
N THR C 286 -1.52 -47.43 10.68
CA THR C 286 -2.38 -46.26 10.55
C THR C 286 -3.85 -46.58 10.79
N ASP C 287 -4.36 -47.64 10.16
CA ASP C 287 -5.75 -48.07 10.37
C ASP C 287 -6.01 -48.14 11.86
N VAL C 288 -5.00 -48.54 12.62
CA VAL C 288 -5.19 -48.81 14.05
C VAL C 288 -5.22 -47.55 14.89
N VAL C 289 -4.18 -46.73 14.78
CA VAL C 289 -4.10 -45.54 15.63
C VAL C 289 -4.78 -44.35 14.98
N GLN C 290 -4.86 -44.38 13.64
CA GLN C 290 -5.63 -43.41 12.88
C GLN C 290 -4.94 -42.07 12.60
N PHE C 291 -3.63 -42.11 12.37
CA PHE C 291 -2.85 -40.95 11.98
C PHE C 291 -2.19 -41.17 10.62
N PRO C 292 -2.04 -40.10 9.83
CA PRO C 292 -1.32 -40.24 8.57
C PRO C 292 0.10 -40.73 8.83
N ASN C 293 0.75 -41.25 7.81
CA ASN C 293 2.13 -41.69 7.98
C ASN C 293 2.99 -41.15 6.88
N GLY C 294 4.30 -41.27 7.06
CA GLY C 294 5.27 -40.78 6.08
C GLY C 294 5.53 -41.81 5.00
N ASN C 295 4.51 -42.58 4.67
CA ASN C 295 4.68 -43.61 3.69
C ASN C 295 3.78 -43.41 2.48
N ALA C 296 4.38 -42.89 1.42
CA ALA C 296 3.67 -42.64 0.17
C ALA C 296 3.14 -43.93 -0.45
N ALA C 297 3.90 -45.00 -0.31
CA ALA C 297 3.51 -46.27 -0.90
C ALA C 297 2.41 -46.93 -0.08
N ALA C 298 2.30 -46.55 1.19
CA ALA C 298 1.38 -47.23 2.09
C ALA C 298 -0.04 -46.76 1.88
N THR C 299 -0.15 -45.50 1.47
CA THR C 299 -1.44 -44.84 1.38
C THR C 299 -2.54 -45.74 0.81
N PRO C 300 -2.35 -46.22 -0.43
CA PRO C 300 -3.46 -46.93 -1.07
C PRO C 300 -3.98 -48.10 -0.23
N LEU C 301 -3.14 -48.62 0.67
CA LEU C 301 -3.52 -49.77 1.48
C LEU C 301 -4.33 -49.37 2.72
N VAL C 302 -4.29 -48.08 3.04
CA VAL C 302 -4.97 -47.54 4.21
C VAL C 302 -6.46 -47.35 3.99
N SER C 303 -7.22 -47.47 5.07
CA SER C 303 -8.69 -47.36 5.08
C SER C 303 -9.32 -46.25 4.22
N GLU C 304 -10.17 -46.65 3.26
CA GLU C 304 -10.94 -45.71 2.44
C GLU C 304 -11.25 -44.39 3.15
N ALA C 305 -11.80 -44.50 4.36
CA ALA C 305 -12.28 -43.35 5.11
C ALA C 305 -11.15 -42.41 5.52
N ILE C 306 -9.98 -42.99 5.74
CA ILE C 306 -8.79 -42.24 6.11
C ILE C 306 -8.00 -41.82 4.86
N ARG C 307 -8.10 -42.62 3.80
CA ARG C 307 -7.36 -42.35 2.57
C ARG C 307 -8.02 -41.21 1.82
N ASN C 308 -9.34 -41.27 1.74
CA ASN C 308 -10.11 -40.26 1.02
C ASN C 308 -10.38 -39.01 1.86
N ASP C 309 -9.61 -38.79 2.90
CA ASP C 309 -9.87 -37.60 3.71
C ASP C 309 -8.78 -36.54 3.62
N PRO C 310 -9.00 -35.56 2.75
CA PRO C 310 -8.06 -34.47 2.60
C PRO C 310 -7.84 -33.80 3.94
N GLY C 311 -8.48 -34.32 4.98
CA GLY C 311 -8.26 -33.80 6.32
C GLY C 311 -7.03 -34.47 6.90
N ILE C 312 -6.67 -35.59 6.29
CA ILE C 312 -5.59 -36.45 6.77
C ILE C 312 -4.57 -36.73 5.68
N TYR C 313 -5.09 -37.02 4.48
CA TYR C 313 -4.25 -37.17 3.30
C TYR C 313 -4.58 -36.08 2.28
N PRO C 314 -4.11 -34.88 2.60
CA PRO C 314 -3.96 -33.50 2.16
C PRO C 314 -3.59 -33.32 0.69
N SER C 315 -3.89 -32.12 0.16
CA SER C 315 -3.73 -31.81 -1.26
C SER C 315 -2.38 -32.16 -1.83
N GLU C 316 -1.39 -32.32 -0.96
CA GLU C 316 -0.05 -32.49 -1.46
C GLU C 316 0.37 -31.29 -2.27
N GLU C 317 -0.56 -30.38 -2.50
CA GLU C 317 -0.21 -29.07 -2.98
C GLU C 317 -0.04 -28.32 -1.68
N VAL C 318 -0.73 -28.81 -0.68
CA VAL C 318 -0.62 -28.31 0.68
C VAL C 318 0.55 -28.98 1.36
N MET C 319 0.79 -30.24 1.02
CA MET C 319 1.92 -30.94 1.59
C MET C 319 3.14 -30.06 1.44
N LYS C 320 3.18 -29.27 0.36
CA LYS C 320 4.30 -28.38 0.09
C LYS C 320 4.20 -27.04 0.80
N LYS C 321 3.00 -26.65 1.19
CA LYS C 321 2.83 -25.40 1.92
C LYS C 321 2.85 -25.64 3.44
N LEU C 322 3.21 -26.85 3.85
CA LEU C 322 3.36 -27.20 5.27
C LEU C 322 4.67 -26.67 5.81
N TYR C 323 4.68 -26.32 7.10
CA TYR C 323 5.92 -25.96 7.75
C TYR C 323 6.06 -26.73 9.06
N THR C 324 7.29 -26.95 9.47
CA THR C 324 7.55 -27.61 10.73
C THR C 324 7.78 -26.51 11.73
N PHE C 325 8.19 -26.88 12.94
CA PHE C 325 8.40 -25.91 14.00
C PHE C 325 9.88 -25.87 14.38
N PRO C 326 10.37 -24.70 14.79
CA PRO C 326 11.81 -24.66 14.85
C PRO C 326 12.32 -24.98 16.23
N ASP C 327 13.65 -25.13 16.34
CA ASP C 327 14.33 -25.20 17.61
C ASP C 327 14.70 -23.77 18.00
N LEU C 328 13.82 -23.11 18.73
CA LEU C 328 13.97 -21.70 19.05
C LEU C 328 15.09 -21.44 20.07
N PRO C 329 15.86 -20.36 19.87
CA PRO C 329 16.89 -19.91 20.82
C PRO C 329 16.26 -19.15 22.00
N ALA C 330 16.95 -19.17 23.14
CA ALA C 330 16.44 -18.55 24.38
C ALA C 330 15.56 -17.33 24.13
N LYS C 331 16.14 -16.34 23.45
CA LYS C 331 15.52 -15.01 23.35
C LYS C 331 14.11 -15.02 22.75
N THR C 332 13.93 -15.80 21.68
CA THR C 332 12.60 -15.96 21.09
C THR C 332 11.67 -16.55 22.14
N GLN C 333 11.99 -17.79 22.52
CA GLN C 333 11.26 -18.52 23.56
C GLN C 333 10.67 -17.61 24.62
N ARG C 334 11.54 -16.91 25.33
CA ARG C 334 11.15 -16.05 26.43
C ARG C 334 10.31 -14.88 25.91
N ALA C 335 10.62 -14.45 24.69
CA ALA C 335 9.89 -13.36 24.05
C ALA C 335 8.44 -13.74 23.85
N MET C 336 8.21 -15.00 23.50
CA MET C 336 6.88 -15.50 23.17
C MET C 336 5.97 -15.63 24.39
N THR C 337 6.49 -16.29 25.42
CA THR C 337 5.75 -16.50 26.67
C THR C 337 5.07 -15.21 27.11
N ARG C 338 5.90 -14.18 27.29
CA ARG C 338 5.44 -12.83 27.67
C ARG C 338 4.25 -12.40 26.83
N SER C 339 4.39 -12.56 25.51
CA SER C 339 3.33 -12.27 24.56
C SER C 339 2.10 -13.10 24.88
N TRP C 340 2.29 -14.41 24.88
CA TRP C 340 1.18 -15.32 25.15
C TRP C 340 0.41 -14.89 26.41
N THR C 341 1.13 -14.62 27.49
CA THR C 341 0.49 -14.21 28.74
C THR C 341 -0.37 -12.97 28.55
N LYS C 342 0.24 -11.92 28.03
CA LYS C 342 -0.44 -10.65 27.86
C LYS C 342 -1.66 -10.81 26.97
N ILE C 343 -1.58 -11.76 26.04
CA ILE C 343 -2.71 -12.06 25.18
C ILE C 343 -3.93 -12.56 25.97
N LYS C 344 -3.76 -13.66 26.69
CA LYS C 344 -4.85 -14.24 27.47
C LYS C 344 -5.50 -13.22 28.40
N SER C 345 -4.70 -12.57 29.23
CA SER C 345 -5.20 -11.54 30.13
C SER C 345 -5.99 -10.47 29.37
#